data_6XAK
#
_entry.id   6XAK
#
_cell.length_a   56.067
_cell.length_b   56.131
_cell.length_c   58.476
_cell.angle_alpha   91.360
_cell.angle_beta   93.040
_cell.angle_gamma   101.090
#
_symmetry.space_group_name_H-M   'P 1'
#
loop_
_entity.id
_entity.type
_entity.pdbx_description
1 polymer NzeB
2 non-polymer 'PROTOPORPHYRIN IX CONTAINING FE'
3 non-polymer (3S,8aS)-3-(1H-indol-3-ylmethyl)hexahydropyrrolo[1,2-a]pyrazine-1,4-dione
4 non-polymer (3S,6S)-3,6-bis[(1H-indol-3-yl)methyl]piperazine-2,5-dione
5 non-polymer 1,2-ETHANEDIOL
6 water water
#
_entity_poly.entity_id   1
_entity_poly.type   'polypeptide(L)'
_entity_poly.pdbx_seq_one_letter_code
;VTTTATLTYPFHDWSQELSPRYAQLRASDAPVCPVVSEGTGDPLWLVTRYATAVKLLEDSRFSSEAAQASGAPRQEPVEL
RAPGTRGDAIAMLREAGLRSVLADGLGPRAVRRHQGWINDLAETLMSELASREGTFDLAADFVEPLSSALVSRTLLGELS
ADERDLLAHCADTGLRF(CSO)GVTHEEQVHAFTQMHEFFLEHARRLAGTPGEHLLKLIAEAPVDQGPLSDEALAEAGSL
LVVAGFPTSSGFLCGALLTLLRHPDAVQELHAHPERVPSAVEELLRYTPLSTGSVKRMATEDLEIDGVRIKAGEVVMVSL
EAVNHDPDAFEDPDVFRPGREGPMHFGFGRGRHFCPGNRLARCVIEATVRAVARRPGLRLAVAPEEISWHEGLFFRRPRA
IPATW
;
_entity_poly.pdbx_strand_id   A,B
#
# COMPACT_ATOMS: atom_id res chain seq x y z
N THR A 4 -1.11 -3.28 49.17
CA THR A 4 -0.58 -4.44 49.91
C THR A 4 0.47 -5.18 49.05
N ALA A 5 1.10 -6.21 49.63
CA ALA A 5 2.15 -6.94 48.93
C ALA A 5 1.61 -8.01 47.97
N THR A 6 0.29 -8.17 47.88
CA THR A 6 -0.32 -9.03 46.86
C THR A 6 -0.69 -8.14 45.68
N LEU A 7 -0.33 -8.59 44.47
CA LEU A 7 -0.66 -7.81 43.30
C LEU A 7 -2.17 -7.74 43.12
N THR A 8 -2.67 -6.54 42.82
CA THR A 8 -4.07 -6.40 42.44
C THR A 8 -4.18 -6.54 40.93
N TYR A 9 -5.29 -7.11 40.49
CA TYR A 9 -5.48 -7.45 39.09
C TYR A 9 -6.74 -6.77 38.56
N PRO A 10 -6.73 -6.23 37.33
CA PRO A 10 -5.70 -6.32 36.27
C PRO A 10 -4.54 -5.33 36.45
N PHE A 11 -3.65 -5.26 35.46
CA PHE A 11 -2.40 -4.54 35.59
C PHE A 11 -2.39 -3.17 34.91
N HIS A 12 -3.55 -2.67 34.48
CA HIS A 12 -3.72 -1.31 33.98
C HIS A 12 -2.99 -1.05 32.67
N ASP A 13 -2.70 -2.11 31.91
CA ASP A 13 -1.94 -1.98 30.66
C ASP A 13 -2.93 -1.84 29.49
N TRP A 14 -3.54 -0.65 29.43
CA TRP A 14 -4.61 -0.39 28.48
C TRP A 14 -4.14 -0.16 27.04
N SER A 15 -2.84 0.08 26.82
CA SER A 15 -2.29 0.25 25.49
C SER A 15 -1.70 -1.07 25.00
N GLN A 16 -0.91 -1.03 23.91
CA GLN A 16 -0.31 -2.26 23.41
C GLN A 16 0.94 -2.62 24.17
N GLU A 17 1.42 -1.73 25.05
CA GLU A 17 2.56 -2.05 25.92
C GLU A 17 2.05 -2.94 27.03
N LEU A 18 2.43 -4.21 27.01
CA LEU A 18 1.99 -5.15 28.04
C LEU A 18 2.63 -4.80 29.37
N SER A 19 1.88 -5.00 30.46
CA SER A 19 2.44 -4.73 31.77
C SER A 19 3.72 -5.52 31.95
N PRO A 20 4.83 -4.89 32.35
CA PRO A 20 6.04 -5.66 32.64
C PRO A 20 5.83 -6.70 33.72
N ARG A 21 4.76 -6.59 34.51
CA ARG A 21 4.55 -7.53 35.62
C ARG A 21 4.32 -8.95 35.11
N TYR A 22 3.74 -9.09 33.92
CA TYR A 22 3.50 -10.43 33.38
C TYR A 22 4.82 -11.20 33.20
N ALA A 23 5.86 -10.54 32.64
CA ALA A 23 7.14 -11.22 32.49
C ALA A 23 7.79 -11.48 33.84
N GLN A 24 7.60 -10.58 34.81
CA GLN A 24 8.17 -10.80 36.13
C GLN A 24 7.55 -12.04 36.79
N LEU A 25 6.24 -12.19 36.69
CA LEU A 25 5.59 -13.35 37.26
C LEU A 25 5.97 -14.61 36.53
N ARG A 26 6.12 -14.52 35.21
CA ARG A 26 6.50 -15.68 34.42
C ARG A 26 7.84 -16.22 34.89
N ALA A 27 8.77 -15.32 35.22
CA ALA A 27 10.12 -15.68 35.58
C ALA A 27 10.29 -16.01 37.05
N SER A 28 9.24 -15.87 37.86
CA SER A 28 9.34 -16.15 39.28
C SER A 28 9.32 -17.66 39.53
N ASP A 29 9.41 -18.04 40.80
CA ASP A 29 9.45 -19.44 41.21
C ASP A 29 8.06 -20.03 41.44
N ALA A 30 7.01 -19.29 41.11
CA ALA A 30 5.65 -19.80 41.26
C ALA A 30 5.06 -20.03 39.88
N PRO A 31 4.66 -21.25 39.54
CA PRO A 31 3.92 -21.46 38.26
C PRO A 31 2.52 -20.90 38.28
N VAL A 32 1.98 -20.65 39.48
CA VAL A 32 0.64 -20.10 39.66
C VAL A 32 0.77 -19.13 40.82
N CYS A 33 0.42 -17.87 40.58
CA CYS A 33 0.64 -16.79 41.53
CA CYS A 33 0.64 -16.82 41.55
C CYS A 33 -0.67 -16.31 42.13
N PRO A 34 -0.77 -16.16 43.44
CA PRO A 34 -2.01 -15.59 44.00
C PRO A 34 -2.05 -14.09 43.78
N VAL A 35 -3.22 -13.61 43.35
CA VAL A 35 -3.46 -12.18 43.17
C VAL A 35 -4.83 -11.85 43.77
N VAL A 36 -5.16 -10.57 43.82
CA VAL A 36 -6.43 -10.10 44.36
C VAL A 36 -7.11 -9.22 43.31
N SER A 37 -8.39 -9.48 43.07
CA SER A 37 -9.16 -8.65 42.14
C SER A 37 -9.26 -7.22 42.66
N GLU A 38 -8.85 -6.24 41.86
CA GLU A 38 -9.03 -4.85 42.25
C GLU A 38 -10.50 -4.49 42.39
N GLY A 39 -11.34 -5.02 41.50
CA GLY A 39 -12.73 -4.60 41.46
C GLY A 39 -13.61 -5.18 42.55
N THR A 40 -13.25 -6.35 43.06
CA THR A 40 -14.08 -7.04 44.06
C THR A 40 -13.33 -7.40 45.34
N GLY A 41 -12.00 -7.42 45.34
CA GLY A 41 -11.27 -7.96 46.45
C GLY A 41 -11.20 -9.47 46.48
N ASP A 42 -11.75 -10.16 45.48
CA ASP A 42 -11.76 -11.63 45.48
C ASP A 42 -10.35 -12.16 45.27
N PRO A 43 -10.00 -13.25 45.97
CA PRO A 43 -8.73 -13.93 45.68
C PRO A 43 -8.81 -14.66 44.35
N LEU A 44 -7.66 -14.70 43.65
CA LEU A 44 -7.57 -15.35 42.35
C LEU A 44 -6.16 -15.91 42.17
N TRP A 45 -6.03 -16.85 41.24
CA TRP A 45 -4.74 -17.39 40.84
C TRP A 45 -4.44 -16.91 39.42
N LEU A 46 -3.16 -16.76 39.08
CA LEU A 46 -2.79 -16.22 37.77
C LEU A 46 -1.64 -17.01 37.16
N VAL A 47 -1.86 -17.49 35.94
CA VAL A 47 -0.87 -18.25 35.17
C VAL A 47 -0.37 -17.39 34.02
N THR A 48 0.96 -17.38 33.83
CA THR A 48 1.59 -16.61 32.78
C THR A 48 2.53 -17.41 31.89
N ARG A 49 2.78 -18.69 32.19
CA ARG A 49 3.67 -19.52 31.39
C ARG A 49 2.87 -20.41 30.45
N TYR A 50 3.32 -20.48 29.21
CA TYR A 50 2.69 -21.31 28.18
C TYR A 50 2.46 -22.75 28.66
N ALA A 51 3.53 -23.39 29.19
CA ALA A 51 3.40 -24.81 29.50
C ALA A 51 2.36 -25.06 30.58
N THR A 52 2.27 -24.18 31.57
CA THR A 52 1.28 -24.32 32.61
C THR A 52 -0.11 -24.01 32.08
N ALA A 53 -0.22 -23.04 31.17
CA ALA A 53 -1.50 -22.68 30.59
C ALA A 53 -2.10 -23.82 29.79
N VAL A 54 -1.26 -24.56 29.04
CA VAL A 54 -1.73 -25.74 28.32
C VAL A 54 -2.32 -26.76 29.29
N LYS A 55 -1.59 -27.05 30.38
CA LYS A 55 -2.09 -28.02 31.35
C LYS A 55 -3.41 -27.59 31.95
N LEU A 56 -3.54 -26.29 32.25
CA LEU A 56 -4.75 -25.75 32.86
C LEU A 56 -5.93 -25.86 31.92
N LEU A 57 -5.76 -25.35 30.69
CA LEU A 57 -6.91 -25.19 29.81
C LEU A 57 -7.32 -26.50 29.13
N GLU A 58 -6.51 -27.54 29.25
CA GLU A 58 -6.88 -28.84 28.72
C GLU A 58 -7.37 -29.79 29.81
N ASP A 59 -7.48 -29.32 31.04
CA ASP A 59 -7.87 -30.14 32.18
C ASP A 59 -9.38 -29.98 32.41
N SER A 60 -10.13 -31.04 32.16
CA SER A 60 -11.59 -30.99 32.27
C SER A 60 -12.09 -30.70 33.68
N ARG A 61 -11.27 -30.94 34.71
CA ARG A 61 -11.62 -30.63 36.09
C ARG A 61 -11.65 -29.13 36.38
N PHE A 62 -11.29 -28.28 35.43
CA PHE A 62 -11.43 -26.84 35.54
C PHE A 62 -12.58 -26.41 34.64
N SER A 63 -13.57 -25.73 35.23
CA SER A 63 -14.79 -25.40 34.52
C SER A 63 -14.85 -23.91 34.21
N SER A 64 -15.08 -23.57 32.95
CA SER A 64 -15.30 -22.16 32.61
C SER A 64 -16.64 -21.67 33.15
N GLU A 65 -17.70 -22.46 32.93
CA GLU A 65 -19.03 -21.98 33.25
C GLU A 65 -19.17 -21.74 34.75
N ALA A 66 -18.53 -22.59 35.54
CA ALA A 66 -18.56 -22.40 37.00
C ALA A 66 -17.91 -21.09 37.40
N ALA A 67 -16.89 -20.65 36.66
CA ALA A 67 -16.25 -19.38 36.97
C ALA A 67 -17.06 -18.18 36.51
N GLN A 68 -18.14 -18.40 35.74
CA GLN A 68 -19.04 -17.34 35.27
C GLN A 68 -20.26 -17.15 36.17
N ALA A 69 -20.50 -18.04 37.11
CA ALA A 69 -21.74 -18.01 37.89
C ALA A 69 -21.68 -16.93 38.97
N SER A 70 -22.86 -16.42 39.35
CA SER A 70 -22.97 -15.43 40.42
C SER A 70 -22.31 -15.94 41.69
N GLY A 71 -21.49 -15.09 42.30
CA GLY A 71 -20.77 -15.44 43.50
C GLY A 71 -19.40 -16.06 43.27
N ALA A 72 -19.06 -16.44 42.04
CA ALA A 72 -17.72 -16.94 41.79
C ALA A 72 -16.70 -15.82 42.04
N PRO A 73 -15.54 -16.14 42.60
CA PRO A 73 -14.46 -15.14 42.65
C PRO A 73 -14.18 -14.66 41.25
N ARG A 74 -13.97 -13.35 41.08
CA ARG A 74 -13.94 -12.83 39.73
C ARG A 74 -13.05 -11.60 39.61
N GLN A 75 -12.48 -11.41 38.42
CA GLN A 75 -11.72 -10.20 38.12
C GLN A 75 -12.62 -9.00 37.79
N GLU A 76 -13.82 -9.24 37.23
CA GLU A 76 -14.65 -8.14 36.75
C GLU A 76 -15.38 -7.47 37.92
N PRO A 77 -15.53 -6.14 37.87
CA PRO A 77 -16.12 -5.44 39.03
C PRO A 77 -17.61 -5.65 39.20
N VAL A 78 -18.34 -5.84 38.12
CA VAL A 78 -19.75 -6.20 38.19
C VAL A 78 -19.98 -7.48 37.40
N GLU A 79 -20.96 -8.26 37.83
CA GLU A 79 -21.34 -9.46 37.10
C GLU A 79 -21.72 -9.10 35.67
N LEU A 80 -21.31 -9.96 34.74
CA LEU A 80 -21.54 -9.69 33.31
C LEU A 80 -22.90 -10.24 32.87
N ARG A 81 -23.94 -9.69 33.49
CA ARG A 81 -25.31 -10.10 33.21
C ARG A 81 -26.24 -9.05 33.79
N ALA A 82 -27.36 -8.82 33.11
CA ALA A 82 -28.38 -7.96 33.67
C ALA A 82 -28.95 -8.62 34.94
N PRO A 83 -29.20 -7.86 35.99
CA PRO A 83 -29.83 -8.41 37.20
C PRO A 83 -31.08 -9.22 36.89
N GLY A 84 -31.18 -10.39 37.49
CA GLY A 84 -32.31 -11.27 37.26
C GLY A 84 -32.20 -12.17 36.05
N THR A 85 -31.15 -12.02 35.24
CA THR A 85 -30.93 -12.91 34.11
C THR A 85 -29.87 -13.95 34.47
N ARG A 86 -29.86 -15.04 33.70
CA ARG A 86 -28.92 -16.13 33.96
C ARG A 86 -27.50 -15.81 33.48
N GLY A 87 -27.37 -15.14 32.34
CA GLY A 87 -26.04 -14.91 31.77
C GLY A 87 -25.39 -16.24 31.51
N ASP A 88 -26.08 -17.07 30.72
CA ASP A 88 -25.73 -18.47 30.57
C ASP A 88 -26.08 -18.91 29.16
N ALA A 89 -25.73 -18.07 28.18
CA ALA A 89 -26.30 -18.17 26.83
C ALA A 89 -25.92 -19.46 26.13
N ILE A 90 -24.63 -19.83 26.16
CA ILE A 90 -24.21 -21.07 25.51
C ILE A 90 -24.97 -22.27 26.07
N ALA A 91 -25.16 -22.33 27.39
CA ALA A 91 -25.88 -23.43 27.99
C ALA A 91 -27.35 -23.40 27.64
N MET A 92 -27.94 -22.20 27.55
CA MET A 92 -29.33 -22.11 27.15
C MET A 92 -29.54 -22.69 25.76
N LEU A 93 -28.60 -22.44 24.84
CA LEU A 93 -28.75 -22.98 23.50
C LEU A 93 -28.61 -24.49 23.50
N ARG A 94 -27.67 -25.02 24.29
CA ARG A 94 -27.53 -26.47 24.39
C ARG A 94 -28.80 -27.11 24.97
N GLU A 95 -29.37 -26.49 26.01
CA GLU A 95 -30.58 -27.03 26.65
C GLU A 95 -31.73 -27.09 25.67
N ALA A 96 -31.93 -26.05 24.87
CA ALA A 96 -33.02 -26.00 23.91
C ALA A 96 -32.78 -26.90 22.70
N GLY A 97 -31.66 -27.61 22.64
CA GLY A 97 -31.35 -28.46 21.52
C GLY A 97 -30.57 -27.80 20.41
N LEU A 98 -30.16 -26.55 20.58
CA LEU A 98 -29.37 -25.84 19.58
C LEU A 98 -27.88 -26.07 19.78
N ARG A 99 -27.49 -27.35 19.86
CA ARG A 99 -26.13 -27.71 20.23
C ARG A 99 -25.08 -27.12 19.29
N SER A 100 -25.45 -26.84 18.04
CA SER A 100 -24.46 -26.56 17.00
C SER A 100 -24.60 -25.23 16.31
N VAL A 101 -25.70 -24.49 16.53
CA VAL A 101 -25.99 -23.30 15.73
C VAL A 101 -24.83 -22.30 15.75
N LEU A 102 -24.10 -22.19 16.87
CA LEU A 102 -22.94 -21.31 16.91
C LEU A 102 -21.88 -21.77 15.92
N ALA A 103 -21.47 -23.04 16.05
CA ALA A 103 -20.49 -23.60 15.12
C ALA A 103 -20.98 -23.52 13.69
N ASP A 104 -22.27 -23.73 13.48
CA ASP A 104 -22.83 -23.68 12.13
C ASP A 104 -22.78 -22.26 11.56
N GLY A 105 -23.10 -21.26 12.38
CA GLY A 105 -23.07 -19.88 11.92
C GLY A 105 -21.70 -19.21 11.92
N LEU A 106 -20.68 -19.86 12.44
CA LEU A 106 -19.35 -19.26 12.52
C LEU A 106 -18.25 -20.13 11.92
N GLY A 107 -18.57 -21.34 11.47
CA GLY A 107 -17.58 -22.26 10.98
C GLY A 107 -17.20 -22.05 9.54
N PRO A 108 -16.48 -23.02 8.96
CA PRO A 108 -15.93 -22.83 7.61
C PRO A 108 -16.97 -22.60 6.53
N ARG A 109 -18.11 -23.30 6.60
CA ARG A 109 -19.16 -23.09 5.61
C ARG A 109 -19.69 -21.66 5.67
N ALA A 110 -19.92 -21.14 6.88
CA ALA A 110 -20.30 -19.75 7.05
C ALA A 110 -19.23 -18.81 6.51
N VAL A 111 -17.96 -19.13 6.72
CA VAL A 111 -16.89 -18.29 6.19
C VAL A 111 -16.97 -18.24 4.67
N ARG A 112 -17.20 -19.37 4.02
CA ARG A 112 -17.30 -19.36 2.57
C ARG A 112 -18.48 -18.51 2.10
N ARG A 113 -19.58 -18.48 2.87
CA ARG A 113 -20.74 -17.66 2.49
C ARG A 113 -20.48 -16.17 2.67
N HIS A 114 -19.62 -15.79 3.61
CA HIS A 114 -19.40 -14.38 3.91
C HIS A 114 -18.08 -13.81 3.40
N GLN A 115 -17.12 -14.66 3.00
CA GLN A 115 -15.76 -14.15 2.75
C GLN A 115 -15.72 -13.25 1.51
N GLY A 116 -16.61 -13.49 0.56
CA GLY A 116 -16.69 -12.65 -0.63
C GLY A 116 -16.96 -11.21 -0.30
N TRP A 117 -18.11 -10.94 0.34
CA TRP A 117 -18.43 -9.56 0.66
C TRP A 117 -17.50 -8.97 1.69
N ILE A 118 -16.94 -9.80 2.59
CA ILE A 118 -16.03 -9.27 3.59
C ILE A 118 -14.77 -8.74 2.93
N ASN A 119 -14.20 -9.51 2.00
CA ASN A 119 -13.02 -9.07 1.29
C ASN A 119 -13.34 -7.90 0.36
N ASP A 120 -14.52 -7.92 -0.26
CA ASP A 120 -14.90 -6.81 -1.14
C ASP A 120 -15.07 -5.52 -0.35
N LEU A 121 -15.64 -5.61 0.85
CA LEU A 121 -15.84 -4.41 1.66
C LEU A 121 -14.51 -3.87 2.19
N ALA A 122 -13.62 -4.76 2.67
CA ALA A 122 -12.30 -4.30 3.06
C ALA A 122 -11.61 -3.57 1.90
N GLU A 123 -11.74 -4.09 0.68
CA GLU A 123 -11.14 -3.43 -0.48
C GLU A 123 -11.84 -2.11 -0.80
N THR A 124 -13.17 -2.11 -0.79
CA THR A 124 -13.93 -0.87 -1.00
C THR A 124 -13.52 0.20 -0.01
N LEU A 125 -13.48 -0.16 1.28
CA LEU A 125 -13.14 0.84 2.31
C LEU A 125 -11.72 1.35 2.11
N MET A 126 -10.77 0.45 1.81
CA MET A 126 -9.40 0.92 1.66
C MET A 126 -9.25 1.77 0.41
N SER A 127 -9.98 1.40 -0.66
CA SER A 127 -9.96 2.19 -1.89
C SER A 127 -10.48 3.60 -1.66
N GLU A 128 -11.52 3.75 -0.84
CA GLU A 128 -11.97 5.08 -0.46
C GLU A 128 -10.89 5.86 0.27
N LEU A 129 -10.18 5.19 1.20
CA LEU A 129 -9.12 5.91 1.90
C LEU A 129 -7.98 6.28 0.96
N ALA A 130 -7.73 5.46 -0.06
CA ALA A 130 -6.69 5.75 -1.05
C ALA A 130 -6.97 7.02 -1.82
N SER A 131 -8.21 7.53 -1.78
CA SER A 131 -8.58 8.76 -2.47
C SER A 131 -8.60 9.97 -1.54
N ARG A 132 -8.30 9.78 -0.26
CA ARG A 132 -8.39 10.83 0.75
C ARG A 132 -7.16 11.71 0.77
N GLU A 133 -7.33 12.91 1.33
CA GLU A 133 -6.24 13.88 1.46
C GLU A 133 -5.76 13.91 2.90
N GLY A 134 -4.45 14.09 3.06
CA GLY A 134 -3.91 14.29 4.39
C GLY A 134 -4.18 13.11 5.29
N THR A 135 -4.64 13.41 6.49
CA THR A 135 -4.79 12.41 7.54
C THR A 135 -6.21 11.85 7.56
N PHE A 136 -6.32 10.53 7.72
CA PHE A 136 -7.59 9.85 7.87
C PHE A 136 -7.49 8.90 9.06
N ASP A 137 -8.63 8.47 9.57
CA ASP A 137 -8.71 7.71 10.83
C ASP A 137 -9.10 6.28 10.48
N LEU A 138 -8.12 5.36 10.60
CA LEU A 138 -8.40 3.97 10.27
C LEU A 138 -9.39 3.33 11.23
N ALA A 139 -9.50 3.83 12.46
CA ALA A 139 -10.50 3.29 13.38
C ALA A 139 -11.91 3.65 12.92
N ALA A 140 -12.16 4.95 12.71
CA ALA A 140 -13.51 5.42 12.36
C ALA A 140 -13.89 5.09 10.93
N ASP A 141 -12.94 5.06 9.99
CA ASP A 141 -13.30 4.90 8.60
C ASP A 141 -12.86 3.59 7.98
N PHE A 142 -12.30 2.67 8.77
CA PHE A 142 -12.10 1.32 8.26
C PHE A 142 -12.68 0.30 9.24
N VAL A 143 -12.17 0.30 10.47
CA VAL A 143 -12.58 -0.74 11.43
C VAL A 143 -14.08 -0.63 11.73
N GLU A 144 -14.56 0.57 12.00
CA GLU A 144 -15.98 0.72 12.35
C GLU A 144 -16.92 0.26 11.25
N PRO A 145 -16.81 0.74 10.00
CA PRO A 145 -17.71 0.21 8.97
C PRO A 145 -17.55 -1.28 8.73
N LEU A 146 -16.32 -1.80 8.80
CA LEU A 146 -16.15 -3.24 8.56
C LEU A 146 -16.78 -4.04 9.69
N SER A 147 -16.47 -3.70 10.94
CA SER A 147 -17.03 -4.47 12.05
C SER A 147 -18.54 -4.30 12.14
N SER A 148 -19.05 -3.11 11.82
CA SER A 148 -20.49 -2.89 11.79
C SER A 148 -21.16 -3.81 10.78
N ALA A 149 -20.59 -3.90 9.58
CA ALA A 149 -21.12 -4.84 8.59
C ALA A 149 -21.04 -6.27 9.11
N LEU A 150 -19.90 -6.66 9.69
CA LEU A 150 -19.77 -8.01 10.25
C LEU A 150 -20.89 -8.31 11.24
N VAL A 151 -21.12 -7.38 12.17
CA VAL A 151 -22.08 -7.63 13.23
C VAL A 151 -23.49 -7.73 12.67
N SER A 152 -23.85 -6.82 11.75
CA SER A 152 -25.17 -6.88 11.13
C SER A 152 -25.35 -8.16 10.33
N ARG A 153 -24.44 -8.43 9.41
CA ARG A 153 -24.66 -9.46 8.42
C ARG A 153 -24.41 -10.88 8.94
N THR A 154 -23.52 -11.05 9.91
CA THR A 154 -23.23 -12.38 10.44
C THR A 154 -23.83 -12.66 11.81
N LEU A 155 -24.17 -11.64 12.60
CA LEU A 155 -24.61 -11.86 13.98
C LEU A 155 -26.05 -11.45 14.22
N LEU A 156 -26.39 -10.16 14.12
CA LEU A 156 -27.62 -9.65 14.73
C LEU A 156 -28.74 -9.32 13.76
N GLY A 157 -28.44 -9.15 12.48
CA GLY A 157 -29.43 -8.67 11.54
C GLY A 157 -29.22 -7.20 11.22
N GLU A 158 -30.15 -6.68 10.43
CA GLU A 158 -29.99 -5.31 9.91
C GLU A 158 -30.33 -4.31 11.00
N LEU A 159 -29.34 -3.99 11.82
CA LEU A 159 -29.45 -2.95 12.83
C LEU A 159 -29.41 -1.59 12.18
N SER A 160 -30.02 -0.61 12.84
CA SER A 160 -29.88 0.78 12.46
C SER A 160 -28.64 1.37 13.13
N ALA A 161 -28.28 2.58 12.70
CA ALA A 161 -27.10 3.24 13.26
C ALA A 161 -27.29 3.55 14.74
N ASP A 162 -28.49 3.96 15.13
CA ASP A 162 -28.75 4.21 16.55
C ASP A 162 -28.63 2.93 17.35
N GLU A 163 -29.16 1.82 16.80
CA GLU A 163 -29.10 0.53 17.50
C GLU A 163 -27.66 0.05 17.63
N ARG A 164 -26.88 0.13 16.56
CA ARG A 164 -25.48 -0.28 16.62
C ARG A 164 -24.73 0.51 17.69
N ASP A 165 -24.92 1.82 17.71
CA ASP A 165 -24.20 2.65 18.68
C ASP A 165 -24.65 2.35 20.10
N LEU A 166 -25.94 2.11 20.30
CA LEU A 166 -26.44 1.75 21.64
C LEU A 166 -25.78 0.45 22.12
N LEU A 167 -25.78 -0.57 21.26
CA LEU A 167 -25.18 -1.85 21.63
C LEU A 167 -23.67 -1.73 21.84
N ALA A 168 -23.00 -0.96 20.98
CA ALA A 168 -21.57 -0.74 21.16
C ALA A 168 -21.29 0.02 22.44
N HIS A 169 -22.14 1.00 22.78
CA HIS A 169 -21.97 1.72 24.04
C HIS A 169 -22.20 0.81 25.23
N CYS A 170 -23.20 -0.07 25.15
CA CYS A 170 -23.45 -1.00 26.24
C CYS A 170 -22.24 -1.91 26.45
N ALA A 171 -21.68 -2.40 25.35
CA ALA A 171 -20.55 -3.30 25.46
C ALA A 171 -19.35 -2.59 26.08
N ASP A 172 -19.05 -1.39 25.59
CA ASP A 172 -17.93 -0.61 26.12
C ASP A 172 -18.14 -0.29 27.59
N THR A 173 -19.39 0.01 27.98
CA THR A 173 -19.62 0.42 29.37
C THR A 173 -19.59 -0.76 30.33
N GLY A 174 -20.17 -1.91 29.93
CA GLY A 174 -20.23 -3.05 30.82
C GLY A 174 -18.96 -3.87 30.85
N LEU A 175 -18.21 -3.88 29.75
CA LEU A 175 -17.01 -4.71 29.64
C LEU A 175 -15.77 -3.88 29.95
N ARG A 176 -15.66 -3.50 31.23
CA ARG A 176 -14.62 -2.59 31.70
C ARG A 176 -14.20 -2.95 33.11
N PHE A 177 -12.94 -2.67 33.43
CA PHE A 177 -12.43 -2.83 34.78
C PHE A 177 -12.57 -1.56 35.61
N GLY A 179 -13.38 3.20 35.08
CA GLY A 179 -13.65 4.34 34.23
C GLY A 179 -15.12 4.68 34.15
N VAL A 180 -15.92 3.87 34.86
CA VAL A 180 -17.36 4.07 34.98
C VAL A 180 -17.76 3.61 36.37
N THR A 181 -18.96 4.00 36.80
CA THR A 181 -19.42 3.62 38.12
C THR A 181 -20.07 2.24 38.09
N HIS A 182 -20.18 1.65 39.29
CA HIS A 182 -20.84 0.35 39.43
C HIS A 182 -22.22 0.35 38.80
N GLU A 183 -23.02 1.39 39.09
CA GLU A 183 -24.39 1.41 38.58
C GLU A 183 -24.41 1.61 37.07
N GLU A 184 -23.50 2.42 36.52
CA GLU A 184 -23.39 2.57 35.08
C GLU A 184 -23.17 1.22 34.39
N GLN A 185 -22.31 0.39 34.97
CA GLN A 185 -21.99 -0.90 34.34
C GLN A 185 -23.18 -1.84 34.38
N VAL A 186 -23.81 -1.95 35.55
CA VAL A 186 -25.01 -2.78 35.67
C VAL A 186 -26.07 -2.33 34.68
N HIS A 187 -26.28 -1.01 34.56
CA HIS A 187 -27.35 -0.52 33.69
C HIS A 187 -27.02 -0.81 32.24
N ALA A 188 -25.73 -0.84 31.89
CA ALA A 188 -25.37 -1.22 30.54
C ALA A 188 -25.85 -2.63 30.21
N PHE A 189 -25.69 -3.57 31.14
CA PHE A 189 -26.23 -4.91 30.91
C PHE A 189 -27.76 -4.90 30.91
N THR A 190 -28.37 -4.10 31.79
CA THR A 190 -29.83 -3.97 31.79
C THR A 190 -30.33 -3.42 30.46
N GLN A 191 -29.75 -2.30 30.02
CA GLN A 191 -30.16 -1.71 28.75
C GLN A 191 -30.01 -2.69 27.60
N MET A 192 -28.88 -3.39 27.55
CA MET A 192 -28.69 -4.38 26.49
C MET A 192 -29.76 -5.47 26.56
N HIS A 193 -30.05 -5.95 27.77
CA HIS A 193 -31.07 -6.97 27.93
C HIS A 193 -32.43 -6.47 27.46
N GLU A 194 -32.80 -5.26 27.86
CA GLU A 194 -34.13 -4.77 27.50
C GLU A 194 -34.22 -4.42 26.02
N PHE A 195 -33.10 -4.08 25.39
CA PHE A 195 -33.11 -3.91 23.94
C PHE A 195 -33.51 -5.20 23.24
N PHE A 196 -32.93 -6.33 23.65
CA PHE A 196 -33.18 -7.58 22.96
C PHE A 196 -34.52 -8.20 23.33
N LEU A 197 -35.02 -7.96 24.54
CA LEU A 197 -36.39 -8.35 24.83
C LEU A 197 -37.36 -7.62 23.91
N GLU A 198 -37.04 -6.37 23.56
CA GLU A 198 -37.90 -5.57 22.72
C GLU A 198 -37.74 -5.91 21.25
N HIS A 199 -36.50 -6.05 20.75
CA HIS A 199 -36.23 -6.04 19.32
C HIS A 199 -35.65 -7.33 18.74
N ALA A 200 -35.32 -8.34 19.56
CA ALA A 200 -34.63 -9.51 19.01
C ALA A 200 -35.49 -10.26 18.01
N ARG A 201 -36.80 -10.40 18.29
CA ARG A 201 -37.68 -11.09 17.35
C ARG A 201 -37.71 -10.38 16.00
N ARG A 202 -37.84 -9.06 16.01
CA ARG A 202 -37.84 -8.32 14.75
C ARG A 202 -36.52 -8.45 14.03
N LEU A 203 -35.41 -8.25 14.75
CA LEU A 203 -34.09 -8.38 14.13
C LEU A 203 -33.89 -9.76 13.54
N ALA A 204 -34.29 -10.81 14.27
CA ALA A 204 -34.15 -12.16 13.75
C ALA A 204 -35.03 -12.40 12.54
N GLY A 205 -36.06 -11.59 12.34
CA GLY A 205 -36.96 -11.77 11.22
C GLY A 205 -36.56 -11.06 9.94
N THR A 206 -35.60 -10.15 9.99
CA THR A 206 -35.15 -9.46 8.80
C THR A 206 -34.40 -10.45 7.89
N PRO A 207 -34.31 -10.15 6.59
CA PRO A 207 -33.59 -11.05 5.68
C PRO A 207 -32.11 -11.10 5.99
N GLY A 208 -31.46 -12.13 5.46
CA GLY A 208 -30.07 -12.39 5.73
C GLY A 208 -29.88 -13.74 6.41
N GLU A 209 -28.61 -14.08 6.61
CA GLU A 209 -28.24 -15.35 7.23
C GLU A 209 -27.59 -15.15 8.60
N HIS A 210 -27.94 -14.06 9.29
CA HIS A 210 -27.29 -13.72 10.55
C HIS A 210 -27.64 -14.71 11.64
N LEU A 211 -26.67 -14.91 12.55
CA LEU A 211 -26.78 -15.95 13.57
C LEU A 211 -28.04 -15.81 14.41
N LEU A 212 -28.47 -14.59 14.72
CA LEU A 212 -29.65 -14.41 15.55
C LEU A 212 -30.89 -14.98 14.85
N LYS A 213 -30.95 -14.82 13.53
CA LYS A 213 -32.02 -15.45 12.75
C LYS A 213 -31.89 -16.97 12.75
N LEU A 214 -30.67 -17.48 12.52
CA LEU A 214 -30.45 -18.93 12.55
C LEU A 214 -30.87 -19.52 13.89
N ILE A 215 -30.60 -18.81 14.99
CA ILE A 215 -30.96 -19.29 16.31
C ILE A 215 -32.47 -19.25 16.49
N ALA A 216 -33.11 -18.18 16.04
CA ALA A 216 -34.55 -18.04 16.21
C ALA A 216 -35.33 -19.02 15.33
N GLU A 217 -34.80 -19.36 14.17
CA GLU A 217 -35.51 -20.22 13.22
C GLU A 217 -35.14 -21.69 13.35
N ALA A 218 -34.20 -22.04 14.24
CA ALA A 218 -33.68 -23.39 14.32
C ALA A 218 -34.73 -24.37 14.86
N PRO A 219 -34.56 -25.67 14.58
CA PRO A 219 -35.45 -26.67 15.17
C PRO A 219 -35.22 -26.79 16.68
N VAL A 220 -36.10 -27.54 17.33
CA VAL A 220 -35.96 -27.81 18.76
C VAL A 220 -36.24 -29.28 19.07
N GLY A 223 -39.81 -27.20 23.30
CA GLY A 223 -40.65 -26.07 22.94
C GLY A 223 -39.91 -24.98 22.20
N PRO A 224 -40.63 -23.97 21.72
CA PRO A 224 -39.98 -22.88 20.97
C PRO A 224 -39.11 -22.03 21.88
N LEU A 225 -38.14 -21.35 21.26
CA LEU A 225 -37.13 -20.62 22.01
C LEU A 225 -37.75 -19.41 22.69
N SER A 226 -37.43 -19.22 23.96
CA SER A 226 -38.08 -18.21 24.77
C SER A 226 -37.66 -16.79 24.36
N ASP A 227 -38.48 -15.81 24.77
CA ASP A 227 -38.11 -14.41 24.59
C ASP A 227 -36.85 -14.08 25.39
N GLU A 228 -36.84 -14.45 26.68
CA GLU A 228 -35.62 -14.35 27.49
C GLU A 228 -34.45 -15.05 26.80
N ALA A 229 -34.71 -16.21 26.20
CA ALA A 229 -33.63 -16.98 25.59
C ALA A 229 -33.04 -16.25 24.39
N LEU A 230 -33.89 -15.63 23.56
CA LEU A 230 -33.38 -14.87 22.42
C LEU A 230 -32.57 -13.67 22.87
N ALA A 231 -32.98 -13.04 23.98
CA ALA A 231 -32.23 -11.92 24.53
C ALA A 231 -30.84 -12.37 25.00
N GLU A 232 -30.78 -13.51 25.71
CA GLU A 232 -29.48 -14.05 26.10
C GLU A 232 -28.59 -14.28 24.88
N ALA A 233 -29.16 -14.82 23.79
CA ALA A 233 -28.39 -15.06 22.59
C ALA A 233 -27.87 -13.76 22.00
N GLY A 234 -28.74 -12.75 21.90
CA GLY A 234 -28.29 -11.46 21.39
C GLY A 234 -27.21 -10.83 22.25
N SER A 235 -27.38 -10.93 23.57
CA SER A 235 -26.36 -10.39 24.47
C SER A 235 -25.02 -11.08 24.24
N LEU A 236 -25.04 -12.41 24.10
CA LEU A 236 -23.82 -13.18 23.85
C LEU A 236 -23.11 -12.69 22.58
N LEU A 237 -23.86 -12.51 21.49
CA LEU A 237 -23.25 -12.11 20.23
C LEU A 237 -22.63 -10.73 20.32
N VAL A 238 -23.24 -9.83 21.11
CA VAL A 238 -22.67 -8.50 21.32
C VAL A 238 -21.36 -8.59 22.10
N VAL A 239 -21.40 -9.21 23.28
CA VAL A 239 -20.23 -9.19 24.16
C VAL A 239 -19.07 -9.96 23.54
N ALA A 240 -19.37 -11.05 22.83
CA ALA A 240 -18.34 -11.94 22.30
C ALA A 240 -17.83 -11.50 20.93
N GLY A 241 -18.65 -10.79 20.14
CA GLY A 241 -18.26 -10.49 18.78
C GLY A 241 -18.01 -9.03 18.46
N PHE A 242 -18.54 -8.12 19.27
CA PHE A 242 -18.40 -6.71 18.93
C PHE A 242 -17.07 -6.12 19.42
N PRO A 243 -16.81 -6.08 20.74
CA PRO A 243 -15.58 -5.42 21.21
C PRO A 243 -14.33 -6.19 20.87
N THR A 244 -14.44 -7.50 20.69
CA THR A 244 -13.32 -8.32 20.27
C THR A 244 -12.91 -7.99 18.85
N SER A 245 -13.87 -7.99 17.92
CA SER A 245 -13.54 -7.72 16.54
C SER A 245 -13.03 -6.29 16.33
N SER A 246 -13.71 -5.30 16.92
CA SER A 246 -13.26 -3.91 16.78
C SER A 246 -11.90 -3.70 17.43
N GLY A 247 -11.72 -4.19 18.65
CA GLY A 247 -10.42 -4.03 19.28
C GLY A 247 -9.31 -4.76 18.55
N PHE A 248 -9.56 -5.99 18.10
CA PHE A 248 -8.46 -6.72 17.49
C PHE A 248 -8.05 -6.12 16.17
N LEU A 249 -9.03 -5.72 15.35
CA LEU A 249 -8.69 -5.13 14.06
C LEU A 249 -7.95 -3.81 14.23
N CYS A 250 -8.36 -2.98 15.19
CA CYS A 250 -7.59 -1.77 15.48
C CYS A 250 -6.16 -2.11 15.88
N GLY A 251 -6.01 -3.03 16.84
CA GLY A 251 -4.67 -3.40 17.28
C GLY A 251 -3.82 -4.01 16.18
N ALA A 252 -4.41 -4.87 15.34
CA ALA A 252 -3.70 -5.48 14.23
C ALA A 252 -3.22 -4.42 13.24
N LEU A 253 -4.07 -3.44 12.94
CA LEU A 253 -3.65 -2.34 12.07
C LEU A 253 -2.46 -1.60 12.64
N LEU A 254 -2.47 -1.31 13.95
CA LEU A 254 -1.33 -0.67 14.59
C LEU A 254 -0.06 -1.50 14.44
N THR A 255 -0.16 -2.82 14.72
CA THR A 255 1.01 -3.69 14.55
C THR A 255 1.57 -3.59 13.14
N LEU A 256 0.70 -3.70 12.12
CA LEU A 256 1.17 -3.61 10.74
C LEU A 256 1.79 -2.25 10.45
N LEU A 257 1.15 -1.17 10.91
CA LEU A 257 1.72 0.14 10.64
C LEU A 257 3.09 0.30 11.29
N ARG A 258 3.33 -0.37 12.41
CA ARG A 258 4.62 -0.26 13.08
C ARG A 258 5.67 -1.21 12.49
N HIS A 259 5.30 -2.04 11.52
CA HIS A 259 6.24 -2.97 10.90
C HIS A 259 6.21 -2.84 9.39
N PRO A 260 6.69 -1.71 8.86
CA PRO A 260 6.67 -1.52 7.39
C PRO A 260 7.46 -2.58 6.62
N ASP A 261 8.55 -3.11 7.17
CA ASP A 261 9.27 -4.17 6.47
C ASP A 261 8.38 -5.39 6.27
N ALA A 262 7.63 -5.78 7.30
CA ALA A 262 6.75 -6.94 7.15
C ALA A 262 5.66 -6.66 6.12
N VAL A 263 5.07 -5.46 6.16
CA VAL A 263 4.05 -5.10 5.18
C VAL A 263 4.61 -5.17 3.75
N GLN A 264 5.84 -4.65 3.55
CA GLN A 264 6.45 -4.70 2.23
C GLN A 264 6.61 -6.14 1.75
N GLU A 265 6.99 -7.04 2.65
CA GLU A 265 7.11 -8.45 2.31
C GLU A 265 5.76 -9.04 1.92
N LEU A 266 4.70 -8.68 2.65
CA LEU A 266 3.39 -9.21 2.33
C LEU A 266 2.87 -8.64 1.02
N HIS A 267 3.24 -7.39 0.71
CA HIS A 267 2.90 -6.84 -0.60
C HIS A 267 3.53 -7.66 -1.71
N ALA A 268 4.79 -8.07 -1.53
CA ALA A 268 5.50 -8.84 -2.55
C ALA A 268 5.08 -10.30 -2.55
N HIS A 269 4.61 -10.82 -1.42
CA HIS A 269 4.28 -12.23 -1.26
C HIS A 269 2.93 -12.38 -0.59
N PRO A 270 1.85 -12.22 -1.36
CA PRO A 270 0.51 -12.34 -0.77
C PRO A 270 0.21 -13.73 -0.21
N GLU A 271 0.87 -14.77 -0.72
CA GLU A 271 0.70 -16.11 -0.18
C GLU A 271 1.12 -16.22 1.29
N ARG A 272 1.90 -15.27 1.79
CA ARG A 272 2.34 -15.28 3.19
C ARG A 272 1.35 -14.59 4.13
N VAL A 273 0.25 -14.06 3.60
CA VAL A 273 -0.71 -13.36 4.46
C VAL A 273 -1.31 -14.26 5.55
N PRO A 274 -1.76 -15.48 5.26
CA PRO A 274 -2.30 -16.32 6.36
C PRO A 274 -1.32 -16.51 7.52
N SER A 275 -0.05 -16.72 7.24
CA SER A 275 0.91 -16.83 8.35
C SER A 275 1.01 -15.53 9.13
N ALA A 276 0.91 -14.38 8.45
CA ALA A 276 0.90 -13.09 9.13
C ALA A 276 -0.31 -12.94 10.05
N VAL A 277 -1.48 -13.41 9.59
CA VAL A 277 -2.68 -13.40 10.43
C VAL A 277 -2.41 -14.13 11.74
N GLU A 278 -1.80 -15.33 11.65
CA GLU A 278 -1.55 -16.13 12.83
C GLU A 278 -0.57 -15.44 13.76
N GLU A 279 0.47 -14.80 13.20
CA GLU A 279 1.42 -14.05 14.01
C GLU A 279 0.77 -12.81 14.63
N LEU A 280 -0.18 -12.17 13.94
CA LEU A 280 -0.92 -11.07 14.56
C LEU A 280 -1.71 -11.56 15.77
N LEU A 281 -2.36 -12.71 15.65
CA LEU A 281 -3.11 -13.28 16.77
C LEU A 281 -2.20 -13.61 17.96
N ARG A 282 -0.95 -13.94 17.72
CA ARG A 282 -0.02 -14.13 18.84
C ARG A 282 0.51 -12.81 19.37
N TYR A 283 0.94 -11.92 18.48
CA TYR A 283 1.71 -10.76 18.89
C TYR A 283 0.84 -9.62 19.42
N THR A 284 -0.30 -9.39 18.78
CA THR A 284 -1.13 -8.22 19.09
C THR A 284 -1.99 -8.50 20.32
N PRO A 285 -1.84 -7.73 21.41
CA PRO A 285 -2.60 -8.01 22.62
C PRO A 285 -4.04 -7.55 22.45
N LEU A 286 -4.94 -8.25 23.10
CA LEU A 286 -6.35 -7.88 23.05
C LEU A 286 -6.91 -7.68 24.44
N SER A 287 -7.22 -8.77 25.16
CA SER A 287 -7.78 -8.61 26.49
C SER A 287 -6.76 -8.03 27.47
N THR A 288 -7.23 -7.14 28.36
CA THR A 288 -6.47 -6.67 29.51
C THR A 288 -6.73 -7.53 30.75
N GLY A 289 -7.59 -8.53 30.64
CA GLY A 289 -7.79 -9.49 31.72
C GLY A 289 -7.33 -10.87 31.30
N SER A 290 -7.96 -11.92 31.85
CA SER A 290 -7.53 -13.28 31.63
C SER A 290 -8.74 -14.19 31.38
N VAL A 291 -8.52 -15.22 30.57
CA VAL A 291 -9.45 -16.35 30.59
C VAL A 291 -9.37 -16.97 31.98
N LYS A 292 -10.45 -17.61 32.41
CA LYS A 292 -10.43 -18.12 33.78
C LYS A 292 -11.31 -19.36 33.90
N ARG A 293 -10.98 -20.19 34.89
CA ARG A 293 -11.66 -21.47 35.10
C ARG A 293 -11.71 -21.73 36.60
N MET A 294 -12.79 -22.36 37.06
CA MET A 294 -12.93 -22.72 38.46
C MET A 294 -12.61 -24.20 38.67
N ALA A 295 -11.79 -24.50 39.68
CA ALA A 295 -11.52 -25.88 40.03
C ALA A 295 -12.81 -26.50 40.55
N THR A 296 -13.22 -27.62 39.96
CA THR A 296 -14.44 -28.31 40.40
C THR A 296 -14.18 -29.31 41.52
N GLU A 297 -12.91 -29.52 41.85
CA GLU A 297 -12.47 -30.39 42.94
C GLU A 297 -11.07 -29.94 43.31
N ASP A 298 -10.63 -30.34 44.50
CA ASP A 298 -9.25 -30.09 44.90
C ASP A 298 -8.32 -30.74 43.89
N LEU A 299 -7.29 -30.01 43.47
CA LEU A 299 -6.36 -30.56 42.49
C LEU A 299 -5.03 -29.81 42.58
N GLU A 300 -4.08 -30.28 41.78
CA GLU A 300 -2.74 -29.71 41.71
C GLU A 300 -2.41 -29.44 40.25
N ILE A 301 -1.79 -28.30 39.99
CA ILE A 301 -1.28 -27.96 38.67
C ILE A 301 0.16 -27.47 38.82
N ASP A 302 1.08 -28.15 38.13
CA ASP A 302 2.52 -27.88 38.25
C ASP A 302 2.93 -27.71 39.71
N GLY A 303 2.39 -28.56 40.58
CA GLY A 303 2.77 -28.58 41.97
C GLY A 303 1.97 -27.69 42.90
N VAL A 304 1.16 -26.78 42.36
CA VAL A 304 0.42 -25.83 43.17
C VAL A 304 -0.96 -26.40 43.47
N ARG A 305 -1.28 -26.50 44.75
CA ARG A 305 -2.57 -27.05 45.17
C ARG A 305 -3.66 -26.01 45.01
N ILE A 306 -4.70 -26.36 44.25
CA ILE A 306 -5.87 -25.51 44.05
C ILE A 306 -7.06 -26.19 44.71
N LYS A 307 -7.77 -25.46 45.56
CA LYS A 307 -8.94 -25.98 46.24
C LYS A 307 -10.17 -25.81 45.36
N ALA A 308 -11.10 -26.75 45.49
CA ALA A 308 -12.37 -26.64 44.78
C ALA A 308 -13.01 -25.29 45.05
N GLY A 309 -13.51 -24.65 43.98
CA GLY A 309 -14.12 -23.35 44.07
C GLY A 309 -13.21 -22.16 43.79
N GLU A 310 -11.89 -22.35 43.86
CA GLU A 310 -10.94 -21.29 43.54
C GLU A 310 -10.83 -21.13 42.02
N VAL A 311 -10.53 -19.92 41.59
CA VAL A 311 -10.55 -19.56 40.16
C VAL A 311 -9.12 -19.27 39.73
N VAL A 312 -8.68 -19.93 38.66
CA VAL A 312 -7.37 -19.76 38.06
C VAL A 312 -7.52 -19.03 36.74
N MET A 313 -6.74 -17.96 36.56
CA MET A 313 -6.71 -17.12 35.37
C MET A 313 -5.47 -17.45 34.54
N VAL A 314 -5.60 -17.32 33.21
CA VAL A 314 -4.47 -17.36 32.29
C VAL A 314 -4.52 -16.11 31.45
N SER A 315 -3.45 -15.32 31.49
CA SER A 315 -3.32 -14.17 30.59
C SER A 315 -2.85 -14.70 29.24
N LEU A 316 -3.71 -14.56 28.23
CA LEU A 316 -3.31 -15.04 26.91
C LEU A 316 -2.15 -14.22 26.37
N GLU A 317 -2.08 -12.95 26.74
CA GLU A 317 -0.98 -12.08 26.32
C GLU A 317 0.33 -12.55 26.93
N ALA A 318 0.32 -12.85 28.23
CA ALA A 318 1.53 -13.33 28.88
C ALA A 318 2.00 -14.63 28.23
N VAL A 319 1.06 -15.54 27.96
CA VAL A 319 1.43 -16.81 27.35
C VAL A 319 1.96 -16.61 25.92
N ASN A 320 1.30 -15.75 25.13
CA ASN A 320 1.75 -15.49 23.77
C ASN A 320 3.12 -14.84 23.72
N HIS A 321 3.57 -14.23 24.83
CA HIS A 321 4.88 -13.57 24.89
C HIS A 321 5.88 -14.34 25.75
N ASP A 322 5.64 -15.63 25.96
CA ASP A 322 6.51 -16.45 26.79
C ASP A 322 7.74 -16.85 25.98
N PRO A 323 8.95 -16.46 26.41
CA PRO A 323 10.16 -16.84 25.65
C PRO A 323 10.49 -18.32 25.75
N ASP A 324 9.92 -19.05 26.70
CA ASP A 324 10.05 -20.51 26.68
C ASP A 324 9.30 -21.14 25.52
N ALA A 325 8.28 -20.46 24.95
CA ALA A 325 7.53 -21.00 23.83
C ALA A 325 7.93 -20.36 22.51
N PHE A 326 8.25 -19.07 22.53
CA PHE A 326 8.47 -18.29 21.31
C PHE A 326 9.80 -17.58 21.41
N GLU A 327 10.76 -17.98 20.57
CA GLU A 327 12.03 -17.30 20.55
C GLU A 327 11.84 -15.86 20.09
N ASP A 328 12.44 -14.92 20.81
CA ASP A 328 12.27 -13.49 20.59
C ASP A 328 10.78 -13.18 20.57
N PRO A 329 10.08 -13.42 21.68
CA PRO A 329 8.62 -13.36 21.67
C PRO A 329 8.07 -11.97 21.47
N ASP A 330 8.86 -10.93 21.71
CA ASP A 330 8.39 -9.56 21.53
C ASP A 330 8.70 -9.00 20.14
N VAL A 331 9.09 -9.85 19.20
CA VAL A 331 9.30 -9.49 17.79
C VAL A 331 8.12 -9.96 16.96
N PHE A 332 7.60 -9.07 16.11
CA PHE A 332 6.56 -9.42 15.15
C PHE A 332 7.24 -10.10 13.98
N ARG A 333 7.04 -11.41 13.85
CA ARG A 333 7.75 -12.24 12.88
C ARG A 333 6.75 -13.10 12.14
N PRO A 334 6.19 -12.61 11.02
CA PRO A 334 5.21 -13.42 10.27
C PRO A 334 5.73 -14.78 9.82
N GLY A 335 7.01 -14.88 9.49
CA GLY A 335 7.57 -16.18 9.11
C GLY A 335 7.75 -17.16 10.25
N ARG A 336 7.30 -16.80 11.47
CA ARG A 336 7.56 -17.61 12.65
C ARG A 336 6.98 -19.00 12.48
N GLU A 337 7.75 -20.00 12.91
CA GLU A 337 7.22 -21.35 12.93
C GLU A 337 7.24 -21.89 14.37
N GLY A 338 6.56 -21.16 15.26
CA GLY A 338 6.50 -21.52 16.66
C GLY A 338 5.32 -22.42 16.94
N PRO A 339 5.11 -22.74 18.22
CA PRO A 339 3.96 -23.56 18.59
C PRO A 339 2.68 -22.76 18.46
N MET A 340 1.55 -23.45 18.62
CA MET A 340 0.26 -22.81 18.44
C MET A 340 0.10 -21.67 19.42
N HIS A 341 -0.43 -20.54 18.93
CA HIS A 341 -0.65 -19.37 19.76
C HIS A 341 -1.91 -19.54 20.60
N PHE A 342 -2.10 -18.61 21.54
CA PHE A 342 -3.21 -18.62 22.48
C PHE A 342 -4.19 -17.50 22.21
N GLY A 343 -4.11 -16.85 21.03
CA GLY A 343 -4.98 -15.70 20.77
C GLY A 343 -6.46 -16.04 20.77
N PHE A 344 -6.81 -17.30 20.47
CA PHE A 344 -8.17 -17.79 20.49
C PHE A 344 -8.42 -18.71 21.69
N GLY A 345 -7.46 -18.78 22.60
CA GLY A 345 -7.53 -19.68 23.73
C GLY A 345 -7.01 -21.07 23.41
N ARG A 346 -7.53 -22.06 24.14
CA ARG A 346 -7.01 -23.42 24.07
C ARG A 346 -8.06 -24.37 24.63
N GLY A 347 -8.26 -25.49 23.96
CA GLY A 347 -9.09 -26.54 24.52
C GLY A 347 -10.56 -26.36 24.22
N ARG A 348 -11.39 -26.84 25.16
CA ARG A 348 -12.84 -26.93 24.98
C ARG A 348 -13.43 -25.62 24.51
N HIS A 349 -12.97 -24.49 25.07
CA HIS A 349 -13.61 -23.20 24.83
C HIS A 349 -12.89 -22.35 23.79
N PHE A 350 -11.98 -22.95 23.03
CA PHE A 350 -11.36 -22.30 21.88
C PHE A 350 -12.42 -21.52 21.09
N CYS A 351 -12.08 -20.29 20.75
CA CYS A 351 -13.05 -19.37 20.18
C CYS A 351 -13.88 -20.01 19.08
N PRO A 352 -15.20 -20.17 19.28
CA PRO A 352 -16.04 -20.74 18.20
C PRO A 352 -16.13 -19.84 16.99
N GLY A 353 -15.82 -18.56 17.13
CA GLY A 353 -15.78 -17.67 16.00
C GLY A 353 -14.43 -17.57 15.31
N ASN A 354 -13.53 -18.53 15.57
CA ASN A 354 -12.14 -18.36 15.15
C ASN A 354 -12.01 -18.31 13.62
N ARG A 355 -12.82 -19.09 12.92
CA ARG A 355 -12.74 -19.07 11.45
C ARG A 355 -13.21 -17.73 10.89
N LEU A 356 -14.32 -17.19 11.41
CA LEU A 356 -14.82 -15.91 10.92
C LEU A 356 -13.88 -14.77 11.29
N ALA A 357 -13.31 -14.80 12.51
CA ALA A 357 -12.32 -13.80 12.88
C ALA A 357 -11.11 -13.86 11.96
N ARG A 358 -10.60 -15.06 11.72
CA ARG A 358 -9.48 -15.20 10.78
C ARG A 358 -9.84 -14.65 9.41
N CYS A 359 -11.09 -14.86 8.98
CA CYS A 359 -11.55 -14.32 7.71
C CYS A 359 -11.44 -12.80 7.66
N VAL A 360 -12.00 -12.11 8.66
CA VAL A 360 -11.99 -10.65 8.68
C VAL A 360 -10.56 -10.11 8.86
N ILE A 361 -9.74 -10.76 9.72
CA ILE A 361 -8.36 -10.32 9.87
C ILE A 361 -7.58 -10.47 8.56
N GLU A 362 -7.79 -11.60 7.86
CA GLU A 362 -7.11 -11.79 6.59
C GLU A 362 -7.49 -10.70 5.59
N ALA A 363 -8.80 -10.40 5.48
CA ALA A 363 -9.24 -9.35 4.55
C ALA A 363 -8.61 -8.00 4.89
N THR A 364 -8.47 -7.70 6.18
CA THR A 364 -7.83 -6.46 6.60
C THR A 364 -6.34 -6.45 6.23
N VAL A 365 -5.63 -7.53 6.54
CA VAL A 365 -4.21 -7.62 6.19
C VAL A 365 -4.00 -7.44 4.70
N ARG A 366 -4.82 -8.11 3.88
CA ARG A 366 -4.63 -8.03 2.43
C ARG A 366 -4.92 -6.63 1.92
N ALA A 367 -5.94 -5.98 2.47
CA ALA A 367 -6.24 -4.59 2.09
C ALA A 367 -5.06 -3.65 2.37
N VAL A 368 -4.40 -3.81 3.53
CA VAL A 368 -3.24 -3.00 3.85
C VAL A 368 -2.05 -3.38 2.96
N ALA A 369 -1.83 -4.68 2.79
CA ALA A 369 -0.63 -5.14 2.08
C ALA A 369 -0.64 -4.71 0.62
N ARG A 370 -1.82 -4.54 0.03
CA ARG A 370 -1.89 -4.19 -1.38
C ARG A 370 -1.57 -2.74 -1.65
N ARG A 371 -1.53 -1.88 -0.63
CA ARG A 371 -1.43 -0.43 -0.79
C ARG A 371 -0.20 0.10 -0.07
N PRO A 372 0.97 0.09 -0.71
CA PRO A 372 2.17 0.63 -0.06
C PRO A 372 2.03 2.12 0.23
N GLY A 373 2.67 2.56 1.30
CA GLY A 373 2.71 3.94 1.71
C GLY A 373 1.86 4.27 2.93
N LEU A 374 0.95 3.38 3.30
CA LEU A 374 0.11 3.62 4.48
C LEU A 374 0.97 3.66 5.73
N ARG A 375 0.80 4.69 6.55
CA ARG A 375 1.63 4.88 7.74
C ARG A 375 0.84 5.55 8.85
N LEU A 376 1.27 5.31 10.09
CA LEU A 376 0.74 6.06 11.22
C LEU A 376 1.12 7.52 11.08
N ALA A 377 0.16 8.41 11.31
CA ALA A 377 0.40 9.82 11.16
C ALA A 377 1.10 10.43 12.36
N VAL A 378 1.09 9.74 13.51
CA VAL A 378 1.74 10.19 14.73
C VAL A 378 2.54 9.04 15.32
N ALA A 379 3.36 9.35 16.33
CA ALA A 379 4.12 8.32 17.00
C ALA A 379 3.19 7.38 17.75
N PRO A 380 3.53 6.09 17.83
CA PRO A 380 2.67 5.15 18.56
C PRO A 380 2.40 5.56 20.00
N GLU A 381 3.36 6.21 20.66
CA GLU A 381 3.13 6.67 22.03
C GLU A 381 2.04 7.74 22.12
N GLU A 382 1.65 8.34 20.99
CA GLU A 382 0.62 9.40 21.00
C GLU A 382 -0.77 8.87 20.70
N ILE A 383 -0.92 7.58 20.39
CA ILE A 383 -2.25 7.02 20.24
C ILE A 383 -2.95 7.03 21.59
N SER A 384 -4.19 7.47 21.61
CA SER A 384 -4.98 7.45 22.84
C SER A 384 -5.81 6.18 22.92
N TRP A 385 -5.84 5.57 24.12
CA TRP A 385 -6.49 4.28 24.32
C TRP A 385 -7.66 4.42 25.29
N HIS A 386 -8.76 3.73 24.97
CA HIS A 386 -9.90 3.66 25.88
C HIS A 386 -9.45 2.99 27.18
N GLU A 387 -9.58 3.70 28.28
CA GLU A 387 -9.01 3.27 29.54
C GLU A 387 -9.91 2.20 30.19
N GLY A 388 -9.31 1.06 30.52
CA GLY A 388 -10.03 0.08 31.32
C GLY A 388 -10.90 -0.92 30.58
N LEU A 389 -11.03 -0.84 29.25
CA LEU A 389 -11.80 -1.84 28.54
C LEU A 389 -11.19 -3.21 28.74
N PHE A 390 -12.06 -4.24 28.88
CA PHE A 390 -11.58 -5.63 28.83
C PHE A 390 -10.82 -5.88 27.53
N PHE A 391 -11.28 -5.29 26.42
CA PHE A 391 -10.72 -5.55 25.10
C PHE A 391 -10.17 -4.24 24.56
N ARG A 392 -8.84 -4.13 24.56
CA ARG A 392 -8.13 -2.90 24.22
C ARG A 392 -8.64 -2.32 22.92
N ARG A 393 -8.77 -1.01 22.89
CA ARG A 393 -9.08 -0.36 21.62
C ARG A 393 -8.61 1.09 21.66
N PRO A 394 -7.88 1.53 20.64
CA PRO A 394 -7.48 2.94 20.57
C PRO A 394 -8.68 3.82 20.22
N ARG A 395 -8.61 5.08 20.66
CA ARG A 395 -9.69 6.02 20.35
C ARG A 395 -9.75 6.36 18.87
N ALA A 396 -8.61 6.39 18.19
CA ALA A 396 -8.51 6.70 16.76
C ALA A 396 -7.16 6.20 16.28
N ILE A 397 -7.06 5.98 14.98
CA ILE A 397 -5.80 5.58 14.35
C ILE A 397 -5.53 6.57 13.21
N PRO A 398 -4.95 7.72 13.50
CA PRO A 398 -4.61 8.69 12.43
C PRO A 398 -3.57 8.10 11.51
N ALA A 399 -3.82 8.18 10.21
CA ALA A 399 -2.95 7.59 9.21
C ALA A 399 -2.87 8.49 7.98
N THR A 400 -1.78 8.37 7.25
CA THR A 400 -1.59 9.01 5.96
C THR A 400 -1.04 8.03 4.95
N TRP A 401 -0.99 8.47 3.71
CA TRP A 401 -0.23 7.78 2.69
C TRP A 401 1.21 8.29 2.71
N THR B 3 28.06 9.39 -46.50
CA THR B 3 28.20 10.76 -46.02
C THR B 3 28.27 11.76 -47.17
N THR B 4 27.25 12.61 -47.29
CA THR B 4 27.29 13.74 -48.22
C THR B 4 27.55 15.02 -47.42
N ALA B 5 27.30 16.18 -48.03
CA ALA B 5 27.55 17.44 -47.32
C ALA B 5 26.37 17.86 -46.44
N THR B 6 25.29 17.09 -46.43
CA THR B 6 24.16 17.32 -45.53
C THR B 6 24.32 16.42 -44.34
N LEU B 7 24.10 16.97 -43.14
CA LEU B 7 24.25 16.19 -41.92
C LEU B 7 23.15 15.14 -41.83
N THR B 8 23.53 13.91 -41.50
CA THR B 8 22.56 12.88 -41.19
C THR B 8 22.17 12.92 -39.71
N TYR B 9 20.93 12.51 -39.43
CA TYR B 9 20.44 12.57 -38.06
C TYR B 9 20.02 11.18 -37.58
N PRO B 10 20.26 10.84 -36.30
CA PRO B 10 20.79 11.65 -35.18
C PRO B 10 22.31 11.72 -35.14
N PHE B 11 22.85 12.31 -34.08
CA PHE B 11 24.26 12.65 -34.06
C PHE B 11 25.11 11.66 -33.29
N HIS B 12 24.56 10.50 -32.94
CA HIS B 12 25.30 9.38 -32.36
C HIS B 12 25.89 9.69 -30.99
N ASP B 13 25.33 10.70 -30.31
CA ASP B 13 25.80 11.07 -28.97
C ASP B 13 25.05 10.24 -27.92
N TRP B 14 25.44 8.96 -27.81
CA TRP B 14 24.73 8.03 -26.93
C TRP B 14 25.09 8.19 -25.46
N SER B 15 26.15 8.93 -25.14
CA SER B 15 26.56 9.14 -23.77
C SER B 15 26.03 10.48 -23.28
N GLN B 16 26.52 10.95 -22.14
CA GLN B 16 26.10 12.27 -21.66
C GLN B 16 26.82 13.42 -22.34
N GLU B 17 27.85 13.14 -23.13
CA GLU B 17 28.53 14.18 -23.90
C GLU B 17 27.67 14.51 -25.11
N LEU B 18 26.98 15.65 -25.07
CA LEU B 18 26.13 16.02 -26.19
C LEU B 18 26.97 16.25 -27.44
N SER B 19 26.41 15.90 -28.60
CA SER B 19 27.13 16.11 -29.84
C SER B 19 27.53 17.58 -29.99
N PRO B 20 28.80 17.86 -30.24
CA PRO B 20 29.20 19.25 -30.49
C PRO B 20 28.48 19.86 -31.67
N ARG B 21 27.87 19.05 -32.54
CA ARG B 21 27.15 19.61 -33.69
C ARG B 21 25.98 20.47 -33.27
N TYR B 22 25.38 20.20 -32.11
CA TYR B 22 24.21 20.98 -31.71
C TYR B 22 24.59 22.45 -31.52
N ALA B 23 25.68 22.70 -30.79
CA ALA B 23 26.13 24.07 -30.57
C ALA B 23 26.63 24.71 -31.86
N GLN B 24 27.23 23.92 -32.76
CA GLN B 24 27.68 24.45 -34.04
C GLN B 24 26.50 24.94 -34.86
N LEU B 25 25.45 24.13 -34.95
CA LEU B 25 24.25 24.55 -35.69
C LEU B 25 23.59 25.72 -35.00
N ARG B 26 23.56 25.72 -33.67
CA ARG B 26 22.91 26.81 -32.93
C ARG B 26 23.58 28.15 -33.23
N ALA B 27 24.92 28.14 -33.38
CA ALA B 27 25.72 29.34 -33.59
C ALA B 27 25.87 29.72 -35.07
N SER B 28 25.33 28.91 -35.97
CA SER B 28 25.48 29.15 -37.41
C SER B 28 24.54 30.28 -37.85
N ASP B 29 24.61 30.62 -39.13
CA ASP B 29 23.73 31.65 -39.70
C ASP B 29 22.39 31.11 -40.17
N ALA B 30 22.12 29.83 -39.92
CA ALA B 30 20.84 29.28 -40.33
C ALA B 30 19.95 29.12 -39.11
N PRO B 31 18.73 29.67 -39.10
CA PRO B 31 17.86 29.50 -37.94
C PRO B 31 17.19 28.14 -37.87
N VAL B 32 17.15 27.39 -38.96
CA VAL B 32 16.70 26.01 -38.98
C VAL B 32 17.55 25.31 -40.01
N CYS B 33 17.98 24.09 -39.69
CA CYS B 33 18.99 23.44 -40.52
CA CYS B 33 18.97 23.46 -40.54
C CYS B 33 18.39 22.23 -41.21
N PRO B 34 18.58 22.09 -42.53
CA PRO B 34 18.12 20.86 -43.19
C PRO B 34 19.04 19.70 -42.83
N VAL B 35 18.44 18.56 -42.51
CA VAL B 35 19.20 17.34 -42.24
C VAL B 35 18.50 16.18 -42.95
N VAL B 36 19.15 15.02 -42.94
CA VAL B 36 18.63 13.81 -43.55
C VAL B 36 18.57 12.71 -42.49
N SER B 37 17.40 12.07 -42.35
CA SER B 37 17.31 10.94 -41.44
C SER B 37 18.23 9.82 -41.88
N GLU B 38 19.16 9.44 -40.99
CA GLU B 38 20.04 8.30 -41.27
C GLU B 38 19.24 7.02 -41.48
N GLY B 39 18.14 6.85 -40.74
CA GLY B 39 17.40 5.60 -40.77
C GLY B 39 16.49 5.41 -41.96
N THR B 40 16.05 6.50 -42.58
CA THR B 40 15.09 6.43 -43.68
C THR B 40 15.49 7.26 -44.90
N GLY B 41 16.48 8.12 -44.79
CA GLY B 41 16.77 9.04 -45.86
C GLY B 41 15.79 10.19 -46.02
N ASP B 42 14.79 10.31 -45.14
CA ASP B 42 13.80 11.36 -45.28
C ASP B 42 14.45 12.72 -44.98
N PRO B 43 14.05 13.77 -45.68
CA PRO B 43 14.49 15.11 -45.28
C PRO B 43 13.80 15.54 -44.01
N LEU B 44 14.53 16.29 -43.18
CA LEU B 44 13.99 16.85 -41.94
C LEU B 44 14.62 18.21 -41.69
N TRP B 45 13.95 19.02 -40.88
CA TRP B 45 14.46 20.30 -40.41
C TRP B 45 14.83 20.17 -38.94
N LEU B 46 15.87 20.89 -38.51
CA LEU B 46 16.33 20.82 -37.13
C LEU B 46 16.52 22.20 -36.53
N VAL B 47 15.85 22.43 -35.39
CA VAL B 47 15.96 23.68 -34.63
C VAL B 47 16.71 23.38 -33.32
N THR B 48 17.65 24.27 -32.99
CA THR B 48 18.51 24.12 -31.83
C THR B 48 18.50 25.33 -30.91
N ARG B 49 17.75 26.39 -31.23
CA ARG B 49 17.71 27.60 -30.43
C ARG B 49 16.46 27.64 -29.55
N TYR B 50 16.65 28.04 -28.28
CA TYR B 50 15.56 28.17 -27.32
C TYR B 50 14.40 29.02 -27.88
N ALA B 51 14.71 30.24 -28.32
CA ALA B 51 13.66 31.17 -28.73
C ALA B 51 12.88 30.63 -29.93
N THR B 52 13.57 30.05 -30.90
CA THR B 52 12.87 29.46 -32.04
C THR B 52 12.01 28.28 -31.60
N ALA B 53 12.53 27.46 -30.69
CA ALA B 53 11.80 26.29 -30.22
C ALA B 53 10.52 26.69 -29.49
N VAL B 54 10.60 27.78 -28.73
CA VAL B 54 9.40 28.29 -28.04
C VAL B 54 8.32 28.63 -29.07
N LYS B 55 8.67 29.46 -30.05
CA LYS B 55 7.71 29.82 -31.09
C LYS B 55 7.16 28.59 -31.79
N LEU B 56 8.06 27.67 -32.16
CA LEU B 56 7.67 26.49 -32.94
C LEU B 56 6.66 25.63 -32.18
N LEU B 57 6.98 25.28 -30.94
CA LEU B 57 6.14 24.36 -30.18
C LEU B 57 4.85 24.99 -29.68
N GLU B 58 4.71 26.30 -29.82
CA GLU B 58 3.47 27.00 -29.51
C GLU B 58 2.77 27.47 -30.77
N ASP B 59 3.35 27.21 -31.94
CA ASP B 59 2.82 27.68 -33.22
C ASP B 59 1.68 26.79 -33.67
N SER B 60 0.53 27.43 -33.94
CA SER B 60 -0.66 26.70 -34.39
C SER B 60 -0.41 25.93 -35.69
N ARG B 61 0.44 26.46 -36.58
CA ARG B 61 0.58 25.84 -37.89
C ARG B 61 1.45 24.59 -37.89
N PHE B 62 1.76 24.02 -36.72
CA PHE B 62 2.53 22.79 -36.61
C PHE B 62 1.75 21.76 -35.81
N SER B 63 1.91 20.50 -36.17
CA SER B 63 1.08 19.44 -35.62
C SER B 63 1.96 18.26 -35.22
N SER B 64 1.92 17.90 -33.94
CA SER B 64 2.67 16.74 -33.49
C SER B 64 2.08 15.45 -34.03
N GLU B 65 0.75 15.32 -34.01
CA GLU B 65 0.16 14.05 -34.40
C GLU B 65 0.38 13.75 -35.88
N ALA B 66 0.35 14.78 -36.73
CA ALA B 66 0.61 14.55 -38.15
C ALA B 66 2.04 14.03 -38.37
N ALA B 67 2.97 14.41 -37.50
CA ALA B 67 4.34 13.94 -37.60
C ALA B 67 4.52 12.50 -37.13
N GLN B 68 3.52 11.93 -36.44
CA GLN B 68 3.52 10.56 -35.98
C GLN B 68 2.83 9.60 -36.94
N ALA B 69 2.15 10.10 -37.97
CA ALA B 69 1.35 9.24 -38.82
C ALA B 69 2.24 8.41 -39.75
N SER B 70 1.74 7.22 -40.09
CA SER B 70 2.42 6.33 -41.03
C SER B 70 2.72 7.07 -42.32
N GLY B 71 3.97 6.94 -42.78
CA GLY B 71 4.40 7.60 -43.99
C GLY B 71 4.96 8.99 -43.82
N ALA B 72 4.81 9.60 -42.64
CA ALA B 72 5.38 10.92 -42.42
C ALA B 72 6.91 10.83 -42.48
N PRO B 73 7.58 11.89 -42.95
CA PRO B 73 9.05 11.94 -42.84
C PRO B 73 9.46 11.80 -41.40
N ARG B 74 10.46 10.98 -41.13
CA ARG B 74 10.73 10.63 -39.74
C ARG B 74 12.21 10.39 -39.50
N GLN B 75 12.59 10.59 -38.24
CA GLN B 75 13.94 10.30 -37.77
C GLN B 75 14.12 8.84 -37.37
N GLU B 76 13.03 8.15 -36.95
CA GLU B 76 13.19 6.78 -36.48
C GLU B 76 13.23 5.80 -37.66
N PRO B 77 14.00 4.72 -37.52
CA PRO B 77 14.16 3.78 -38.65
C PRO B 77 12.93 2.95 -38.97
N VAL B 78 12.17 2.52 -37.96
CA VAL B 78 10.92 1.79 -38.16
C VAL B 78 9.78 2.56 -37.51
N GLU B 79 8.57 2.35 -38.03
CA GLU B 79 7.41 3.00 -37.44
C GLU B 79 7.22 2.53 -36.01
N LEU B 80 6.90 3.48 -35.12
CA LEU B 80 6.76 3.20 -33.69
C LEU B 80 5.36 2.68 -33.37
N ARG B 81 5.06 1.52 -33.95
CA ARG B 81 3.73 0.91 -33.83
C ARG B 81 3.81 -0.48 -34.41
N ALA B 82 2.91 -1.34 -33.96
CA ALA B 82 2.77 -2.63 -34.61
C ALA B 82 2.08 -2.41 -35.95
N PRO B 83 2.56 -3.02 -37.05
CA PRO B 83 1.93 -2.79 -38.35
C PRO B 83 0.45 -3.15 -38.33
N GLY B 84 -0.33 -2.32 -39.02
CA GLY B 84 -1.77 -2.48 -39.01
C GLY B 84 -2.49 -1.85 -37.84
N THR B 85 -1.77 -1.37 -36.82
CA THR B 85 -2.39 -0.67 -35.72
C THR B 85 -2.28 0.84 -35.95
N ARG B 86 -3.11 1.58 -35.23
CA ARG B 86 -3.15 3.03 -35.42
C ARG B 86 -1.93 3.73 -34.81
N GLY B 87 -1.47 3.29 -33.64
CA GLY B 87 -0.43 4.03 -32.95
C GLY B 87 -0.84 5.47 -32.77
N ASP B 88 -1.91 5.67 -32.00
CA ASP B 88 -2.60 6.94 -31.92
C ASP B 88 -3.32 6.98 -30.57
N ALA B 89 -2.58 6.64 -29.51
CA ALA B 89 -3.20 6.31 -28.23
C ALA B 89 -3.93 7.50 -27.63
N ILE B 90 -3.28 8.66 -27.60
CA ILE B 90 -3.91 9.83 -26.98
C ILE B 90 -5.22 10.15 -27.69
N ALA B 91 -5.25 10.02 -29.03
CA ALA B 91 -6.50 10.27 -29.75
C ALA B 91 -7.55 9.20 -29.46
N MET B 92 -7.14 7.93 -29.35
CA MET B 92 -8.10 6.88 -29.07
C MET B 92 -8.74 7.04 -27.70
N LEU B 93 -7.99 7.59 -26.73
CA LEU B 93 -8.58 7.92 -25.44
C LEU B 93 -9.52 9.10 -25.55
N ARG B 94 -9.12 10.13 -26.31
CA ARG B 94 -9.98 11.30 -26.47
C ARG B 94 -11.26 10.95 -27.21
N GLU B 95 -11.15 10.13 -28.27
CA GLU B 95 -12.34 9.69 -28.99
C GLU B 95 -13.33 9.02 -28.05
N ALA B 96 -12.84 8.17 -27.16
CA ALA B 96 -13.67 7.50 -26.16
C ALA B 96 -14.21 8.43 -25.09
N GLY B 97 -13.87 9.72 -25.13
CA GLY B 97 -14.28 10.63 -24.08
C GLY B 97 -13.42 10.57 -22.83
N LEU B 98 -12.27 9.89 -22.88
CA LEU B 98 -11.35 9.83 -21.77
C LEU B 98 -10.28 10.90 -21.85
N ARG B 99 -10.60 12.02 -22.50
CA ARG B 99 -9.68 13.11 -22.79
C ARG B 99 -8.83 13.51 -21.59
N SER B 100 -9.40 13.45 -20.39
CA SER B 100 -8.72 13.95 -19.20
C SER B 100 -8.23 12.85 -18.27
N VAL B 101 -8.41 11.57 -18.61
CA VAL B 101 -8.10 10.51 -17.66
C VAL B 101 -6.59 10.42 -17.42
N LEU B 102 -5.79 10.64 -18.47
CA LEU B 102 -4.34 10.64 -18.33
C LEU B 102 -3.89 11.72 -17.36
N ALA B 103 -4.20 12.97 -17.68
CA ALA B 103 -3.86 14.08 -16.79
C ALA B 103 -4.49 13.89 -15.42
N ASP B 104 -5.76 13.47 -15.39
CA ASP B 104 -6.41 13.22 -14.11
C ASP B 104 -5.72 12.10 -13.35
N GLY B 105 -5.19 11.10 -14.05
CA GLY B 105 -4.49 10.01 -13.38
C GLY B 105 -3.03 10.25 -13.06
N LEU B 106 -2.46 11.33 -13.60
CA LEU B 106 -1.08 11.73 -13.34
C LEU B 106 -0.98 13.09 -12.64
N GLY B 107 -2.10 13.62 -12.17
CA GLY B 107 -2.16 14.97 -11.68
C GLY B 107 -1.64 15.13 -10.26
N PRO B 108 -1.82 16.33 -9.71
CA PRO B 108 -1.32 16.57 -8.34
C PRO B 108 -1.94 15.64 -7.30
N ARG B 109 -3.21 15.26 -7.46
CA ARG B 109 -3.81 14.30 -6.54
C ARG B 109 -3.10 12.95 -6.59
N ALA B 110 -2.76 12.48 -7.80
CA ALA B 110 -2.02 11.22 -7.92
C ALA B 110 -0.67 11.29 -7.23
N VAL B 111 0.03 12.42 -7.37
CA VAL B 111 1.32 12.55 -6.69
C VAL B 111 1.12 12.52 -5.17
N ARG B 112 0.07 13.17 -4.67
CA ARG B 112 -0.14 13.16 -3.23
C ARG B 112 -0.38 11.74 -2.71
N ARG B 113 -0.97 10.87 -3.54
CA ARG B 113 -1.18 9.49 -3.12
C ARG B 113 0.12 8.71 -3.09
N HIS B 114 0.93 8.84 -4.13
CA HIS B 114 2.05 7.92 -4.33
C HIS B 114 3.37 8.42 -3.76
N GLN B 115 3.49 9.71 -3.42
CA GLN B 115 4.80 10.25 -3.07
C GLN B 115 5.36 9.60 -1.82
N GLY B 116 4.49 9.17 -0.91
CA GLY B 116 4.93 8.55 0.31
C GLY B 116 5.71 7.28 0.05
N TRP B 117 5.08 6.29 -0.60
CA TRP B 117 5.81 5.05 -0.83
C TRP B 117 6.97 5.27 -1.79
N ILE B 118 6.87 6.23 -2.71
CA ILE B 118 7.99 6.48 -3.59
C ILE B 118 9.20 6.95 -2.80
N ASN B 119 8.98 7.86 -1.85
CA ASN B 119 10.09 8.31 -1.02
C ASN B 119 10.58 7.20 -0.10
N ASP B 120 9.64 6.40 0.45
CA ASP B 120 10.04 5.26 1.28
C ASP B 120 10.96 4.33 0.51
N LEU B 121 10.59 4.00 -0.73
CA LEU B 121 11.32 3.00 -1.48
C LEU B 121 12.69 3.50 -1.90
N ALA B 122 12.78 4.77 -2.31
CA ALA B 122 14.09 5.36 -2.59
C ALA B 122 15.00 5.27 -1.36
N GLU B 123 14.45 5.56 -0.18
CA GLU B 123 15.21 5.50 1.06
C GLU B 123 15.59 4.06 1.39
N THR B 124 14.64 3.14 1.28
CA THR B 124 14.93 1.73 1.59
C THR B 124 16.04 1.21 0.69
N LEU B 125 15.91 1.44 -0.62
CA LEU B 125 16.90 0.97 -1.60
C LEU B 125 18.26 1.56 -1.32
N MET B 126 18.32 2.88 -1.08
CA MET B 126 19.62 3.50 -0.83
C MET B 126 20.21 3.06 0.50
N SER B 127 19.36 2.93 1.54
CA SER B 127 19.86 2.56 2.87
C SER B 127 20.53 1.19 2.84
N GLU B 128 19.93 0.21 2.16
CA GLU B 128 20.53 -1.12 2.12
C GLU B 128 21.81 -1.12 1.30
N LEU B 129 21.82 -0.41 0.16
CA LEU B 129 23.08 -0.25 -0.58
C LEU B 129 24.17 0.35 0.30
N ALA B 130 23.78 1.23 1.24
CA ALA B 130 24.74 1.82 2.18
C ALA B 130 25.20 0.85 3.25
N SER B 131 24.43 -0.22 3.49
CA SER B 131 24.76 -1.20 4.52
C SER B 131 25.79 -2.22 4.06
N ARG B 132 26.06 -2.31 2.78
CA ARG B 132 26.98 -3.30 2.25
C ARG B 132 28.36 -2.68 2.04
N GLU B 133 29.35 -3.57 1.89
CA GLU B 133 30.74 -3.22 1.65
C GLU B 133 31.03 -3.25 0.16
N GLY B 134 31.85 -2.33 -0.29
CA GLY B 134 32.27 -2.36 -1.67
C GLY B 134 31.25 -1.75 -2.61
N THR B 135 31.33 -2.16 -3.86
CA THR B 135 30.61 -1.51 -4.95
C THR B 135 29.23 -2.11 -5.15
N PHE B 136 28.41 -1.39 -5.91
CA PHE B 136 27.09 -1.83 -6.30
C PHE B 136 26.75 -1.08 -7.58
N ASP B 137 25.72 -1.55 -8.27
CA ASP B 137 25.31 -0.96 -9.53
C ASP B 137 24.06 -0.12 -9.26
N LEU B 138 24.21 1.21 -9.33
CA LEU B 138 23.08 2.10 -9.08
C LEU B 138 21.98 1.92 -10.10
N ALA B 139 22.33 1.50 -11.32
CA ALA B 139 21.31 1.27 -12.34
C ALA B 139 20.49 0.01 -12.02
N ALA B 140 21.17 -1.11 -11.78
CA ALA B 140 20.46 -2.36 -11.52
C ALA B 140 19.90 -2.45 -10.09
N ASP B 141 20.57 -1.84 -9.11
CA ASP B 141 20.19 -1.99 -7.71
C ASP B 141 19.40 -0.81 -7.17
N PHE B 142 19.21 0.25 -7.96
CA PHE B 142 18.41 1.37 -7.51
C PHE B 142 17.39 1.76 -8.57
N VAL B 143 17.87 2.11 -9.77
CA VAL B 143 16.96 2.64 -10.79
C VAL B 143 15.95 1.58 -11.22
N GLU B 144 16.41 0.35 -11.42
CA GLU B 144 15.49 -0.71 -11.84
C GLU B 144 14.40 -1.00 -10.81
N PRO B 145 14.70 -1.29 -9.54
CA PRO B 145 13.60 -1.51 -8.59
C PRO B 145 12.69 -0.31 -8.43
N LEU B 146 13.24 0.91 -8.41
CA LEU B 146 12.39 2.09 -8.22
C LEU B 146 11.49 2.31 -9.43
N SER B 147 12.07 2.31 -10.63
CA SER B 147 11.27 2.55 -11.82
C SER B 147 10.30 1.42 -12.10
N SER B 148 10.67 0.18 -11.73
CA SER B 148 9.76 -0.95 -11.86
C SER B 148 8.56 -0.82 -10.94
N ALA B 149 8.77 -0.38 -9.70
CA ALA B 149 7.64 -0.12 -8.81
C ALA B 149 6.78 1.03 -9.33
N LEU B 150 7.41 2.09 -9.83
CA LEU B 150 6.66 3.21 -10.37
C LEU B 150 5.71 2.76 -11.47
N VAL B 151 6.22 1.97 -12.41
CA VAL B 151 5.44 1.55 -13.57
C VAL B 151 4.31 0.60 -13.15
N SER B 152 4.58 -0.27 -12.16
CA SER B 152 3.57 -1.20 -11.68
C SER B 152 2.49 -0.48 -10.88
N ARG B 153 2.89 0.36 -9.94
CA ARG B 153 1.92 0.93 -9.00
C ARG B 153 1.12 2.08 -9.60
N THR B 154 1.71 2.87 -10.50
CA THR B 154 1.04 4.04 -11.03
C THR B 154 0.55 3.91 -12.47
N LEU B 155 1.10 2.99 -13.27
CA LEU B 155 0.78 2.94 -14.69
C LEU B 155 0.04 1.67 -15.08
N LEU B 156 0.61 0.49 -14.88
CA LEU B 156 0.08 -0.72 -15.50
C LEU B 156 -0.63 -1.66 -14.53
N GLY B 157 -0.29 -1.64 -13.26
CA GLY B 157 -0.71 -2.66 -12.33
C GLY B 157 0.44 -3.58 -11.94
N GLU B 158 0.17 -4.44 -10.96
CA GLU B 158 1.18 -5.34 -10.43
C GLU B 158 1.79 -6.21 -11.52
N LEU B 159 3.04 -5.97 -11.87
CA LEU B 159 3.75 -6.77 -12.86
C LEU B 159 4.59 -7.82 -12.15
N SER B 160 4.74 -8.97 -12.80
CA SER B 160 5.71 -9.95 -12.34
C SER B 160 7.11 -9.53 -12.78
N ALA B 161 8.12 -10.17 -12.20
CA ALA B 161 9.48 -9.94 -12.65
C ALA B 161 9.62 -10.23 -14.14
N ASP B 162 8.97 -11.30 -14.62
CA ASP B 162 9.10 -11.65 -16.03
C ASP B 162 8.38 -10.67 -16.92
N GLU B 163 7.29 -10.07 -16.44
CA GLU B 163 6.56 -9.08 -17.24
C GLU B 163 7.30 -7.75 -17.28
N ARG B 164 7.83 -7.29 -16.14
CA ARG B 164 8.64 -6.08 -16.14
C ARG B 164 9.82 -6.22 -17.11
N ASP B 165 10.50 -7.37 -17.08
CA ASP B 165 11.64 -7.59 -17.95
C ASP B 165 11.22 -7.60 -19.42
N LEU B 166 10.14 -8.30 -19.75
CA LEU B 166 9.70 -8.39 -21.14
C LEU B 166 9.28 -7.03 -21.69
N LEU B 167 8.53 -6.25 -20.92
CA LEU B 167 8.12 -4.93 -21.39
C LEU B 167 9.32 -3.99 -21.50
N ALA B 168 10.22 -4.03 -20.51
CA ALA B 168 11.41 -3.20 -20.57
C ALA B 168 12.28 -3.57 -21.77
N HIS B 169 12.35 -4.87 -22.08
CA HIS B 169 13.13 -5.30 -23.23
C HIS B 169 12.50 -4.83 -24.54
N CYS B 170 11.18 -4.91 -24.66
CA CYS B 170 10.52 -4.46 -25.88
C CYS B 170 10.75 -2.96 -26.09
N ALA B 171 10.77 -2.17 -25.01
CA ALA B 171 11.02 -0.74 -25.16
C ALA B 171 12.45 -0.47 -25.62
N ASP B 172 13.43 -1.16 -25.02
CA ASP B 172 14.83 -0.97 -25.40
C ASP B 172 15.08 -1.38 -26.84
N THR B 173 14.36 -2.40 -27.31
CA THR B 173 14.59 -2.92 -28.65
C THR B 173 13.93 -2.06 -29.72
N GLY B 174 12.70 -1.60 -29.48
CA GLY B 174 12.00 -0.81 -30.49
C GLY B 174 12.28 0.69 -30.52
N LEU B 175 12.65 1.27 -29.37
CA LEU B 175 12.92 2.70 -29.28
C LEU B 175 14.43 2.94 -29.46
N ARG B 176 14.89 2.64 -30.66
CA ARG B 176 16.32 2.61 -30.96
C ARG B 176 16.52 3.19 -32.34
N PHE B 177 17.61 3.95 -32.51
CA PHE B 177 18.00 4.47 -33.84
C PHE B 177 18.82 3.43 -34.61
N GLY B 179 21.51 -0.51 -33.86
CA GLY B 179 21.94 -1.54 -32.93
C GLY B 179 21.13 -2.82 -32.98
N VAL B 180 20.02 -2.77 -33.72
CA VAL B 180 19.15 -3.92 -33.90
C VAL B 180 18.69 -3.96 -35.34
N THR B 181 18.28 -5.15 -35.79
CA THR B 181 17.69 -5.24 -37.11
C THR B 181 16.27 -4.67 -37.07
N HIS B 182 15.78 -4.29 -38.24
CA HIS B 182 14.40 -3.82 -38.32
C HIS B 182 13.42 -4.88 -37.84
N GLU B 183 13.66 -6.14 -38.22
CA GLU B 183 12.78 -7.23 -37.80
C GLU B 183 12.70 -7.34 -36.28
N GLU B 184 13.84 -7.17 -35.61
CA GLU B 184 13.82 -7.27 -34.15
C GLU B 184 13.10 -6.08 -33.52
N GLN B 185 13.13 -4.93 -34.19
CA GLN B 185 12.41 -3.76 -33.72
C GLN B 185 10.90 -3.96 -33.86
N VAL B 186 10.45 -4.34 -35.05
CA VAL B 186 9.03 -4.63 -35.26
C VAL B 186 8.55 -5.68 -34.26
N HIS B 187 9.34 -6.74 -34.08
CA HIS B 187 8.98 -7.81 -33.16
C HIS B 187 8.76 -7.30 -31.74
N ALA B 188 9.56 -6.32 -31.31
CA ALA B 188 9.38 -5.75 -29.97
C ALA B 188 8.03 -5.05 -29.83
N PHE B 189 7.63 -4.29 -30.85
CA PHE B 189 6.32 -3.63 -30.82
C PHE B 189 5.18 -4.64 -30.93
N THR B 190 5.34 -5.64 -31.79
CA THR B 190 4.31 -6.66 -31.91
C THR B 190 4.15 -7.44 -30.61
N GLN B 191 5.27 -7.74 -29.94
CA GLN B 191 5.19 -8.42 -28.65
C GLN B 191 4.49 -7.54 -27.62
N MET B 192 4.76 -6.23 -27.65
CA MET B 192 4.15 -5.34 -26.67
C MET B 192 2.65 -5.17 -26.91
N HIS B 193 2.27 -4.96 -28.17
CA HIS B 193 0.86 -4.88 -28.52
C HIS B 193 0.13 -6.18 -28.18
N GLU B 194 0.69 -7.31 -28.61
CA GLU B 194 0.09 -8.60 -28.30
C GLU B 194 0.02 -8.82 -26.79
N PHE B 195 1.05 -8.38 -26.06
CA PHE B 195 1.00 -8.50 -24.60
C PHE B 195 -0.22 -7.82 -24.02
N PHE B 196 -0.50 -6.59 -24.47
CA PHE B 196 -1.62 -5.85 -23.92
C PHE B 196 -2.97 -6.32 -24.49
N LEU B 197 -2.97 -6.91 -25.69
CA LEU B 197 -4.19 -7.59 -26.12
C LEU B 197 -4.54 -8.73 -25.17
N GLU B 198 -3.53 -9.37 -24.60
CA GLU B 198 -3.68 -10.58 -23.79
C GLU B 198 -3.79 -10.31 -22.30
N HIS B 199 -3.22 -9.21 -21.80
CA HIS B 199 -3.15 -9.01 -20.36
C HIS B 199 -3.76 -7.72 -19.84
N ALA B 200 -4.10 -6.76 -20.71
CA ALA B 200 -4.51 -5.44 -20.23
C ALA B 200 -5.72 -5.50 -19.32
N ARG B 201 -6.73 -6.32 -19.67
CA ARG B 201 -7.91 -6.44 -18.82
C ARG B 201 -7.59 -7.05 -17.47
N ARG B 202 -6.74 -8.08 -17.44
CA ARG B 202 -6.33 -8.66 -16.16
C ARG B 202 -5.54 -7.64 -15.35
N LEU B 203 -4.61 -6.92 -15.99
CA LEU B 203 -3.85 -5.89 -15.30
C LEU B 203 -4.77 -4.78 -14.78
N ALA B 204 -5.71 -4.34 -15.61
CA ALA B 204 -6.63 -3.30 -15.17
C ALA B 204 -7.53 -3.77 -14.04
N GLY B 205 -7.89 -5.05 -14.03
CA GLY B 205 -8.84 -5.57 -13.05
C GLY B 205 -8.28 -5.68 -11.64
N THR B 206 -6.96 -5.72 -11.48
CA THR B 206 -6.37 -5.83 -10.16
C THR B 206 -6.65 -4.58 -9.34
N PRO B 207 -6.66 -4.68 -8.01
CA PRO B 207 -6.92 -3.49 -7.20
C PRO B 207 -5.75 -2.54 -7.25
N GLY B 208 -6.06 -1.26 -7.09
CA GLY B 208 -5.01 -0.26 -7.03
C GLY B 208 -5.45 1.03 -7.69
N GLU B 209 -4.45 1.91 -7.88
CA GLU B 209 -4.63 3.25 -8.39
C GLU B 209 -4.10 3.40 -9.81
N HIS B 210 -3.67 2.31 -10.43
CA HIS B 210 -2.87 2.43 -11.65
C HIS B 210 -3.69 2.95 -12.82
N LEU B 211 -3.00 3.72 -13.67
CA LEU B 211 -3.65 4.47 -14.75
C LEU B 211 -4.39 3.56 -15.71
N LEU B 212 -3.84 2.38 -15.99
CA LEU B 212 -4.53 1.44 -16.89
C LEU B 212 -5.89 1.05 -16.34
N LYS B 213 -5.99 0.86 -15.02
CA LYS B 213 -7.26 0.57 -14.38
C LYS B 213 -8.21 1.76 -14.49
N LEU B 214 -7.71 2.97 -14.19
CA LEU B 214 -8.53 4.17 -14.35
C LEU B 214 -9.08 4.29 -15.76
N ILE B 215 -8.26 3.97 -16.76
CA ILE B 215 -8.69 4.04 -18.16
C ILE B 215 -9.77 2.99 -18.45
N ALA B 216 -9.53 1.74 -18.02
CA ALA B 216 -10.46 0.65 -18.32
C ALA B 216 -11.81 0.83 -17.63
N GLU B 217 -11.83 1.52 -16.48
CA GLU B 217 -13.03 1.64 -15.67
C GLU B 217 -13.70 3.01 -15.80
N ALA B 218 -13.14 3.92 -16.58
CA ALA B 218 -13.73 5.24 -16.72
C ALA B 218 -15.01 5.17 -17.54
N PRO B 219 -16.04 5.94 -17.16
CA PRO B 219 -17.25 6.00 -18.00
C PRO B 219 -16.93 6.54 -19.39
N VAL B 220 -17.55 5.94 -20.39
CA VAL B 220 -17.34 6.28 -21.79
C VAL B 220 -18.67 6.63 -22.42
N ASP B 221 -18.63 7.43 -23.49
CA ASP B 221 -19.83 7.87 -24.18
C ASP B 221 -20.09 7.05 -25.45
N GLY B 223 -19.77 3.85 -26.48
CA GLY B 223 -19.55 2.44 -26.21
C GLY B 223 -18.29 2.17 -25.42
N PRO B 224 -18.20 0.97 -24.82
CA PRO B 224 -17.04 0.66 -23.96
C PRO B 224 -15.74 0.62 -24.75
N LEU B 225 -14.66 0.94 -24.05
CA LEU B 225 -13.34 0.96 -24.65
C LEU B 225 -12.98 -0.43 -25.19
N SER B 226 -12.57 -0.47 -26.46
CA SER B 226 -12.23 -1.74 -27.08
C SER B 226 -10.88 -2.25 -26.59
N ASP B 227 -10.64 -3.55 -26.81
CA ASP B 227 -9.37 -4.13 -26.42
C ASP B 227 -8.21 -3.51 -27.19
N GLU B 228 -8.44 -3.12 -28.45
CA GLU B 228 -7.41 -2.45 -29.22
C GLU B 228 -7.05 -1.11 -28.59
N ALA B 229 -8.05 -0.29 -28.26
CA ALA B 229 -7.78 0.98 -27.60
C ALA B 229 -7.06 0.77 -26.28
N LEU B 230 -7.48 -0.21 -25.50
CA LEU B 230 -6.81 -0.46 -24.22
C LEU B 230 -5.38 -0.93 -24.42
N ALA B 231 -5.15 -1.75 -25.46
CA ALA B 231 -3.79 -2.16 -25.78
C ALA B 231 -2.94 -0.96 -26.16
N GLU B 232 -3.49 -0.03 -26.95
CA GLU B 232 -2.75 1.16 -27.32
C GLU B 232 -2.36 1.97 -26.09
N ALA B 233 -3.29 2.11 -25.14
CA ALA B 233 -2.98 2.83 -23.90
C ALA B 233 -1.84 2.17 -23.15
N GLY B 234 -1.88 0.84 -23.01
CA GLY B 234 -0.79 0.14 -22.34
C GLY B 234 0.55 0.36 -23.03
N SER B 235 0.56 0.31 -24.37
CA SER B 235 1.79 0.56 -25.10
C SER B 235 2.28 2.00 -24.92
N LEU B 236 1.36 2.95 -24.95
CA LEU B 236 1.71 4.35 -24.69
C LEU B 236 2.38 4.48 -23.32
N LEU B 237 1.80 3.84 -22.30
CA LEU B 237 2.34 3.95 -20.96
C LEU B 237 3.74 3.32 -20.86
N VAL B 238 4.01 2.27 -21.63
CA VAL B 238 5.36 1.68 -21.62
C VAL B 238 6.35 2.63 -22.27
N VAL B 239 6.09 3.01 -23.52
CA VAL B 239 7.05 3.81 -24.29
C VAL B 239 7.26 5.20 -23.69
N ALA B 240 6.22 5.80 -23.11
CA ALA B 240 6.36 7.12 -22.53
C ALA B 240 6.83 7.09 -21.08
N GLY B 241 6.57 6.00 -20.35
CA GLY B 241 6.87 5.94 -18.94
C GLY B 241 8.11 5.16 -18.51
N PHE B 242 8.45 4.07 -19.21
CA PHE B 242 9.50 3.17 -18.74
C PHE B 242 10.91 3.60 -19.13
N PRO B 243 11.25 3.70 -20.42
CA PRO B 243 12.62 4.07 -20.78
C PRO B 243 12.98 5.48 -20.42
N THR B 244 11.98 6.37 -20.35
CA THR B 244 12.21 7.75 -19.98
C THR B 244 12.59 7.83 -18.51
N SER B 245 11.79 7.19 -17.64
CA SER B 245 12.07 7.19 -16.21
C SER B 245 13.40 6.53 -15.90
N SER B 246 13.64 5.34 -16.44
CA SER B 246 14.91 4.64 -16.17
C SER B 246 16.10 5.41 -16.75
N GLY B 247 15.99 5.86 -17.99
CA GLY B 247 17.06 6.67 -18.58
C GLY B 247 17.35 7.92 -17.79
N PHE B 248 16.30 8.66 -17.42
CA PHE B 248 16.55 9.92 -16.75
C PHE B 248 17.08 9.73 -15.33
N LEU B 249 16.55 8.76 -14.58
CA LEU B 249 17.05 8.54 -13.22
C LEU B 249 18.50 8.12 -13.23
N CYS B 250 18.90 7.29 -14.20
CA CYS B 250 20.31 6.93 -14.35
C CYS B 250 21.14 8.16 -14.68
N GLY B 251 20.66 8.96 -15.63
CA GLY B 251 21.40 10.16 -16.00
C GLY B 251 21.50 11.14 -14.85
N ALA B 252 20.40 11.33 -14.11
CA ALA B 252 20.40 12.23 -12.97
C ALA B 252 21.36 11.75 -11.89
N LEU B 253 21.42 10.44 -11.67
CA LEU B 253 22.38 9.92 -10.70
C LEU B 253 23.82 10.24 -11.10
N LEU B 254 24.15 10.02 -12.37
CA LEU B 254 25.48 10.37 -12.86
C LEU B 254 25.79 11.85 -12.64
N THR B 255 24.84 12.73 -12.98
CA THR B 255 25.06 14.16 -12.77
C THR B 255 25.34 14.47 -11.29
N LEU B 256 24.51 13.92 -10.38
CA LEU B 256 24.72 14.17 -8.95
C LEU B 256 26.08 13.67 -8.50
N LEU B 257 26.48 12.48 -8.97
CA LEU B 257 27.73 11.88 -8.52
C LEU B 257 28.94 12.65 -9.04
N ARG B 258 28.78 13.36 -10.17
CA ARG B 258 29.86 14.16 -10.72
C ARG B 258 29.90 15.56 -10.14
N HIS B 259 28.99 15.89 -9.22
CA HIS B 259 28.89 17.23 -8.65
C HIS B 259 28.76 17.14 -7.12
N PRO B 260 29.82 16.70 -6.43
CA PRO B 260 29.70 16.52 -4.97
C PRO B 260 29.51 17.82 -4.21
N ASP B 261 30.02 18.96 -4.70
CA ASP B 261 29.78 20.20 -3.98
C ASP B 261 28.30 20.55 -3.98
N ALA B 262 27.63 20.36 -5.12
CA ALA B 262 26.19 20.57 -5.20
C ALA B 262 25.44 19.65 -4.26
N VAL B 263 25.83 18.37 -4.20
CA VAL B 263 25.15 17.41 -3.33
C VAL B 263 25.33 17.80 -1.87
N GLN B 264 26.50 18.31 -1.50
CA GLN B 264 26.73 18.69 -0.11
C GLN B 264 25.84 19.86 0.31
N GLU B 265 25.61 20.81 -0.59
CA GLU B 265 24.67 21.89 -0.30
C GLU B 265 23.27 21.34 -0.08
N LEU B 266 22.83 20.40 -0.93
CA LEU B 266 21.52 19.80 -0.79
C LEU B 266 21.40 19.01 0.51
N HIS B 267 22.50 18.39 0.95
CA HIS B 267 22.50 17.71 2.23
C HIS B 267 22.21 18.69 3.37
N ALA B 268 22.86 19.85 3.32
CA ALA B 268 22.69 20.86 4.37
C ALA B 268 21.37 21.60 4.25
N HIS B 269 20.81 21.70 3.04
CA HIS B 269 19.60 22.46 2.79
C HIS B 269 18.64 21.64 1.94
N PRO B 270 17.97 20.66 2.54
CA PRO B 270 17.06 19.81 1.77
C PRO B 270 15.92 20.58 1.13
N GLU B 271 15.65 21.80 1.59
CA GLU B 271 14.60 22.62 0.99
C GLU B 271 14.95 23.02 -0.44
N ARG B 272 16.22 22.95 -0.83
CA ARG B 272 16.65 23.30 -2.17
C ARG B 272 16.61 22.13 -3.14
N VAL B 273 16.16 20.95 -2.70
CA VAL B 273 16.05 19.80 -3.62
C VAL B 273 15.15 20.09 -4.80
N PRO B 274 13.96 20.70 -4.66
CA PRO B 274 13.12 20.93 -5.85
C PRO B 274 13.80 21.75 -6.93
N SER B 275 14.53 22.80 -6.56
CA SER B 275 15.28 23.54 -7.59
C SER B 275 16.36 22.67 -8.23
N ALA B 276 16.98 21.77 -7.46
CA ALA B 276 17.93 20.83 -8.05
C ALA B 276 17.26 19.91 -9.06
N VAL B 277 16.01 19.50 -8.78
CA VAL B 277 15.28 18.64 -9.72
C VAL B 277 15.07 19.38 -11.04
N GLU B 278 14.73 20.66 -10.97
CA GLU B 278 14.53 21.44 -12.19
C GLU B 278 15.83 21.60 -12.96
N GLU B 279 16.95 21.79 -12.26
CA GLU B 279 18.21 21.93 -12.96
C GLU B 279 18.66 20.61 -13.57
N LEU B 280 18.33 19.48 -12.91
CA LEU B 280 18.63 18.19 -13.50
C LEU B 280 17.82 17.99 -14.78
N LEU B 281 16.56 18.43 -14.79
CA LEU B 281 15.76 18.30 -15.99
C LEU B 281 16.30 19.15 -17.12
N ARG B 282 16.95 20.27 -16.81
CA ARG B 282 17.57 21.09 -17.85
C ARG B 282 18.91 20.52 -18.29
N TYR B 283 19.74 20.14 -17.32
CA TYR B 283 21.15 19.86 -17.58
C TYR B 283 21.37 18.44 -18.09
N THR B 284 20.68 17.47 -17.50
CA THR B 284 20.92 16.05 -17.80
C THR B 284 20.25 15.68 -19.12
N PRO B 285 21.01 15.25 -20.13
CA PRO B 285 20.39 14.91 -21.40
C PRO B 285 19.62 13.60 -21.32
N LEU B 286 18.54 13.52 -22.11
CA LEU B 286 17.78 12.27 -22.17
C LEU B 286 17.70 11.74 -23.59
N SER B 287 16.82 12.30 -24.41
CA SER B 287 16.65 11.81 -25.76
C SER B 287 17.88 12.12 -26.62
N THR B 288 18.24 11.16 -27.47
CA THR B 288 19.24 11.35 -28.51
C THR B 288 18.62 11.78 -29.82
N GLY B 289 17.29 11.89 -29.87
CA GLY B 289 16.60 12.47 -31.00
C GLY B 289 15.93 13.78 -30.65
N SER B 290 14.80 14.10 -31.29
CA SER B 290 14.16 15.39 -31.10
C SER B 290 12.65 15.21 -31.02
N VAL B 291 11.98 16.12 -30.29
CA VAL B 291 10.54 16.28 -30.52
C VAL B 291 10.34 16.77 -31.95
N LYS B 292 9.15 16.52 -32.51
CA LYS B 292 9.01 16.89 -33.91
C LYS B 292 7.55 17.21 -34.23
N ARG B 293 7.38 18.05 -35.26
CA ARG B 293 6.06 18.54 -35.63
C ARG B 293 6.02 18.69 -37.15
N MET B 294 4.84 18.50 -37.72
CA MET B 294 4.67 18.63 -39.17
C MET B 294 3.98 19.94 -39.51
N ALA B 295 4.56 20.69 -40.43
CA ALA B 295 3.91 21.90 -40.91
C ALA B 295 2.61 21.54 -41.63
N THR B 296 1.52 22.19 -41.25
CA THR B 296 0.25 21.95 -41.93
C THR B 296 0.00 22.94 -43.05
N GLU B 297 0.88 23.92 -43.24
CA GLU B 297 0.79 24.87 -44.34
C GLU B 297 2.17 25.48 -44.55
N ASP B 298 2.38 26.00 -45.76
CA ASP B 298 3.64 26.65 -46.09
C ASP B 298 3.88 27.82 -45.17
N LEU B 299 5.13 27.99 -44.73
CA LEU B 299 5.47 29.07 -43.82
C LEU B 299 6.98 29.29 -43.88
N GLU B 300 7.33 30.50 -43.24
CA GLU B 300 8.72 30.91 -43.18
C GLU B 300 9.22 31.09 -41.76
N ILE B 301 10.45 30.55 -41.50
CA ILE B 301 11.07 30.72 -40.18
C ILE B 301 12.35 31.50 -40.39
N ASP B 302 12.34 32.77 -39.99
CA ASP B 302 13.49 33.66 -40.12
C ASP B 302 14.18 33.49 -41.48
N GLY B 303 13.37 33.55 -42.55
CA GLY B 303 13.85 33.49 -43.91
C GLY B 303 13.78 32.12 -44.56
N VAL B 304 13.73 31.04 -43.78
CA VAL B 304 13.78 29.68 -44.31
C VAL B 304 12.36 29.19 -44.58
N ARG B 305 12.12 28.77 -45.82
CA ARG B 305 10.79 28.33 -46.24
C ARG B 305 10.57 26.88 -45.79
N ILE B 306 9.52 26.67 -44.99
CA ILE B 306 9.04 25.35 -44.62
C ILE B 306 7.77 25.09 -45.42
N LYS B 307 7.69 23.92 -46.05
CA LYS B 307 6.53 23.57 -46.85
C LYS B 307 5.62 22.63 -46.08
N ALA B 308 4.34 22.65 -46.42
CA ALA B 308 3.37 21.76 -45.78
C ALA B 308 3.76 20.31 -46.00
N GLY B 309 3.61 19.51 -44.95
CA GLY B 309 4.01 18.13 -44.98
C GLY B 309 5.42 17.87 -44.50
N GLU B 310 6.23 18.91 -44.39
CA GLU B 310 7.61 18.73 -43.93
C GLU B 310 7.64 18.76 -42.41
N VAL B 311 8.62 18.07 -41.85
CA VAL B 311 8.71 17.83 -40.41
C VAL B 311 9.87 18.61 -39.84
N VAL B 312 9.60 19.37 -38.77
CA VAL B 312 10.60 20.16 -38.07
C VAL B 312 10.84 19.53 -36.71
N MET B 313 12.11 19.31 -36.39
CA MET B 313 12.56 18.74 -35.13
C MET B 313 13.13 19.83 -34.22
N VAL B 314 12.89 19.68 -32.92
CA VAL B 314 13.54 20.48 -31.90
C VAL B 314 14.29 19.53 -30.97
N SER B 315 15.60 19.71 -30.83
CA SER B 315 16.36 18.92 -29.86
C SER B 315 16.25 19.61 -28.50
N LEU B 316 15.57 18.93 -27.56
CA LEU B 316 15.41 19.48 -26.21
C LEU B 316 16.75 19.69 -25.52
N GLU B 317 17.70 18.77 -25.74
CA GLU B 317 19.05 18.93 -25.23
C GLU B 317 19.69 20.21 -25.76
N ALA B 318 19.61 20.43 -27.08
CA ALA B 318 20.18 21.64 -27.66
C ALA B 318 19.58 22.90 -27.05
N VAL B 319 18.25 22.98 -26.94
CA VAL B 319 17.65 24.19 -26.40
CA VAL B 319 17.64 24.20 -26.40
C VAL B 319 17.98 24.36 -24.92
N ASN B 320 18.03 23.25 -24.17
CA ASN B 320 18.39 23.30 -22.75
C ASN B 320 19.83 23.77 -22.54
N HIS B 321 20.68 23.67 -23.55
CA HIS B 321 22.07 24.11 -23.46
C HIS B 321 22.35 25.37 -24.29
N ASP B 322 21.31 26.14 -24.60
CA ASP B 322 21.45 27.35 -25.39
C ASP B 322 21.96 28.49 -24.51
N PRO B 323 23.16 29.01 -24.77
CA PRO B 323 23.67 30.12 -23.95
C PRO B 323 22.86 31.41 -24.09
N ASP B 324 22.04 31.56 -25.12
CA ASP B 324 21.19 32.73 -25.22
C ASP B 324 20.00 32.66 -24.27
N ALA B 325 19.75 31.51 -23.68
CA ALA B 325 18.73 31.36 -22.64
C ALA B 325 19.32 31.06 -21.26
N PHE B 326 20.36 30.23 -21.19
CA PHE B 326 20.96 29.84 -19.92
C PHE B 326 22.42 30.27 -19.90
N GLU B 327 22.75 31.16 -18.99
CA GLU B 327 24.15 31.59 -18.83
C GLU B 327 24.99 30.42 -18.32
N ASP B 328 26.15 30.23 -18.93
CA ASP B 328 27.01 29.07 -18.64
C ASP B 328 26.18 27.79 -18.74
N PRO B 329 25.62 27.50 -19.92
CA PRO B 329 24.62 26.42 -20.02
C PRO B 329 25.15 25.04 -19.69
N ASP B 330 26.47 24.84 -19.75
CA ASP B 330 27.05 23.53 -19.49
C ASP B 330 27.51 23.37 -18.04
N VAL B 331 27.09 24.26 -17.15
CA VAL B 331 27.38 24.16 -15.73
C VAL B 331 26.12 23.70 -15.01
N PHE B 332 26.24 22.66 -14.19
CA PHE B 332 25.14 22.19 -13.34
C PHE B 332 25.03 23.13 -12.13
N ARG B 333 23.96 23.92 -12.10
CA ARG B 333 23.81 25.02 -11.16
C ARG B 333 22.42 24.99 -10.58
N PRO B 334 22.21 24.16 -9.55
CA PRO B 334 20.89 24.16 -8.91
C PRO B 334 20.73 25.54 -8.33
N GLY B 335 19.55 26.12 -8.39
CA GLY B 335 19.42 27.45 -7.82
C GLY B 335 19.56 28.52 -8.89
N ARG B 336 19.86 28.09 -10.10
CA ARG B 336 19.92 28.98 -11.23
C ARG B 336 18.45 29.27 -11.48
N GLU B 337 18.15 30.51 -11.78
CA GLU B 337 16.76 30.91 -12.00
C GLU B 337 16.53 31.32 -13.46
N GLY B 338 17.19 30.63 -14.38
CA GLY B 338 16.98 30.87 -15.79
C GLY B 338 15.55 30.59 -16.21
N PRO B 339 15.26 30.70 -17.50
CA PRO B 339 13.89 30.48 -17.97
C PRO B 339 13.44 29.03 -17.80
N MET B 340 12.18 28.76 -18.12
CA MET B 340 11.68 27.40 -18.01
C MET B 340 12.50 26.48 -18.91
N HIS B 341 12.80 25.29 -18.41
CA HIS B 341 13.56 24.33 -19.18
C HIS B 341 12.64 23.56 -20.11
N PHE B 342 13.25 22.85 -21.06
CA PHE B 342 12.53 22.06 -22.05
C PHE B 342 12.60 20.56 -21.78
N GLY B 343 12.96 20.16 -20.55
CA GLY B 343 13.10 18.73 -20.28
C GLY B 343 11.81 17.95 -20.45
N PHE B 344 10.68 18.63 -20.29
CA PHE B 344 9.34 18.08 -20.46
C PHE B 344 8.67 18.62 -21.72
N GLY B 345 9.42 19.29 -22.58
CA GLY B 345 8.84 19.84 -23.78
C GLY B 345 8.27 21.21 -23.53
N ARG B 346 7.33 21.59 -24.39
CA ARG B 346 6.66 22.87 -24.23
C ARG B 346 5.35 22.85 -25.01
N GLY B 347 4.37 23.58 -24.50
CA GLY B 347 3.12 23.74 -25.19
C GLY B 347 2.10 22.65 -24.94
N ARG B 348 1.27 22.38 -25.96
CA ARG B 348 0.14 21.47 -25.79
C ARG B 348 0.58 20.05 -25.42
N HIS B 349 1.77 19.62 -25.86
CA HIS B 349 2.21 18.26 -25.58
C HIS B 349 3.18 18.16 -24.41
N PHE B 350 3.29 19.20 -23.59
CA PHE B 350 4.11 19.16 -22.38
C PHE B 350 3.78 17.89 -21.58
N CYS B 351 4.85 17.13 -21.20
CA CYS B 351 4.74 15.81 -20.60
C CYS B 351 3.61 15.76 -19.58
N PRO B 352 2.56 14.97 -19.86
CA PRO B 352 1.49 14.80 -18.86
C PRO B 352 1.96 14.06 -17.61
N GLY B 353 3.07 13.33 -17.68
CA GLY B 353 3.63 12.67 -16.51
C GLY B 353 4.57 13.53 -15.71
N ASN B 354 4.64 14.84 -15.99
CA ASN B 354 5.68 15.67 -15.41
C ASN B 354 5.64 15.70 -13.88
N ARG B 355 4.46 15.66 -13.29
CA ARG B 355 4.39 15.70 -11.83
C ARG B 355 4.88 14.39 -11.22
N LEU B 356 4.51 13.25 -11.80
CA LEU B 356 5.00 11.97 -11.30
C LEU B 356 6.50 11.87 -11.51
N ALA B 357 6.98 12.31 -12.67
CA ALA B 357 8.42 12.31 -12.94
C ALA B 357 9.16 13.16 -11.91
N ARG B 358 8.67 14.38 -11.67
CA ARG B 358 9.30 15.25 -10.68
C ARG B 358 9.30 14.59 -9.30
N CYS B 359 8.23 13.87 -8.98
CA CYS B 359 8.13 13.20 -7.69
C CYS B 359 9.24 12.16 -7.51
N VAL B 360 9.44 11.30 -8.51
CA VAL B 360 10.45 10.24 -8.39
CA VAL B 360 10.45 10.25 -8.38
C VAL B 360 11.86 10.82 -8.45
N ILE B 361 12.06 11.86 -9.28
CA ILE B 361 13.37 12.49 -9.32
C ILE B 361 13.69 13.09 -7.96
N GLU B 362 12.73 13.81 -7.38
CA GLU B 362 12.94 14.42 -6.06
C GLU B 362 13.30 13.36 -5.03
N ALA B 363 12.58 12.24 -5.03
CA ALA B 363 12.85 11.18 -4.06
C ALA B 363 14.26 10.62 -4.26
N THR B 364 14.72 10.59 -5.51
CA THR B 364 16.05 10.09 -5.80
C THR B 364 17.11 11.08 -5.33
N VAL B 365 16.92 12.37 -5.60
CA VAL B 365 17.87 13.38 -5.17
C VAL B 365 18.00 13.36 -3.65
N ARG B 366 16.87 13.29 -2.94
CA ARG B 366 16.92 13.26 -1.47
C ARG B 366 17.64 12.02 -0.95
N ALA B 367 17.39 10.86 -1.56
CA ALA B 367 18.07 9.65 -1.10
C ALA B 367 19.58 9.80 -1.22
N VAL B 368 20.05 10.49 -2.27
CA VAL B 368 21.48 10.72 -2.43
C VAL B 368 21.98 11.78 -1.45
N ALA B 369 21.24 12.89 -1.34
CA ALA B 369 21.71 14.02 -0.54
C ALA B 369 21.82 13.67 0.93
N ARG B 370 21.02 12.71 1.40
CA ARG B 370 21.04 12.34 2.81
C ARG B 370 22.27 11.54 3.19
N ARG B 371 23.02 11.01 2.21
CA ARG B 371 24.17 10.14 2.47
C ARG B 371 25.39 10.62 1.71
N PRO B 372 26.10 11.61 2.24
CA PRO B 372 27.29 12.15 1.57
C PRO B 372 28.34 11.07 1.32
N GLY B 373 29.17 11.30 0.31
CA GLY B 373 30.25 10.39 -0.03
C GLY B 373 29.89 9.34 -1.08
N LEU B 374 28.66 9.34 -1.59
CA LEU B 374 28.31 8.44 -2.67
C LEU B 374 29.02 8.89 -3.95
N ARG B 375 29.70 7.95 -4.60
CA ARG B 375 30.65 8.30 -5.65
C ARG B 375 30.62 7.24 -6.75
N LEU B 376 31.00 7.67 -7.96
CA LEU B 376 31.17 6.72 -9.04
C LEU B 376 32.39 5.84 -8.76
N ALA B 377 32.24 4.52 -8.92
CA ALA B 377 33.34 3.60 -8.70
C ALA B 377 34.34 3.58 -9.84
N VAL B 378 34.00 4.17 -10.98
CA VAL B 378 34.88 4.25 -12.14
C VAL B 378 34.92 5.71 -12.59
N ALA B 379 35.68 5.96 -13.66
CA ALA B 379 35.74 7.29 -14.23
C ALA B 379 34.57 7.49 -15.19
N PRO B 380 34.07 8.73 -15.33
CA PRO B 380 32.91 8.95 -16.22
C PRO B 380 33.12 8.42 -17.63
N GLU B 381 34.34 8.54 -18.16
CA GLU B 381 34.70 8.01 -19.47
C GLU B 381 34.59 6.48 -19.52
N GLU B 382 34.66 5.82 -18.37
CA GLU B 382 34.64 4.37 -18.30
C GLU B 382 33.23 3.79 -18.15
N ILE B 383 32.21 4.65 -18.12
CA ILE B 383 30.84 4.14 -18.09
C ILE B 383 30.47 3.65 -19.48
N SER B 384 29.87 2.47 -19.56
CA SER B 384 29.43 1.92 -20.83
C SER B 384 27.95 2.23 -21.02
N TRP B 385 27.59 2.58 -22.26
CA TRP B 385 26.26 3.07 -22.58
C TRP B 385 25.58 2.13 -23.58
N HIS B 386 24.26 2.05 -23.49
CA HIS B 386 23.49 1.34 -24.50
C HIS B 386 23.46 2.21 -25.76
N GLU B 387 24.11 1.75 -26.81
CA GLU B 387 24.24 2.56 -28.01
C GLU B 387 22.97 2.49 -28.83
N GLY B 388 22.47 3.66 -29.23
CA GLY B 388 21.38 3.75 -30.16
C GLY B 388 20.01 3.98 -29.54
N LEU B 389 19.89 3.89 -28.22
CA LEU B 389 18.59 4.10 -27.60
C LEU B 389 18.10 5.53 -27.85
N PHE B 390 16.80 5.67 -28.11
CA PHE B 390 16.20 7.00 -28.13
C PHE B 390 16.47 7.75 -26.83
N PHE B 391 16.33 7.06 -25.70
CA PHE B 391 16.46 7.64 -24.37
C PHE B 391 17.72 7.07 -23.72
N ARG B 392 18.74 7.92 -23.58
CA ARG B 392 20.06 7.50 -23.11
C ARG B 392 19.96 6.67 -21.84
N ARG B 393 20.83 5.65 -21.74
CA ARG B 393 20.90 4.93 -20.48
C ARG B 393 22.23 4.19 -20.43
N PRO B 394 22.91 4.21 -19.30
CA PRO B 394 24.16 3.45 -19.18
C PRO B 394 23.90 1.99 -18.89
N ARG B 395 24.83 1.14 -19.34
CA ARG B 395 24.68 -0.29 -19.11
C ARG B 395 24.73 -0.61 -17.62
N ALA B 396 25.46 0.18 -16.84
CA ALA B 396 25.62 0.00 -15.41
C ALA B 396 26.22 1.27 -14.85
N ILE B 397 26.02 1.49 -13.56
CA ILE B 397 26.60 2.64 -12.88
C ILE B 397 27.34 2.12 -11.65
N PRO B 398 28.59 1.69 -11.83
CA PRO B 398 29.33 1.19 -10.66
C PRO B 398 29.48 2.30 -9.64
N ALA B 399 29.00 2.10 -8.42
CA ALA B 399 29.11 3.13 -7.42
C ALA B 399 29.53 2.60 -6.06
N THR B 400 29.95 3.51 -5.19
CA THR B 400 30.39 3.13 -3.86
C THR B 400 30.39 4.34 -2.93
N TRP B 401 30.37 4.07 -1.64
CA TRP B 401 30.75 5.05 -0.64
C TRP B 401 32.25 4.93 -0.33
#